data_8ZMX
#
_entry.id   8ZMX
#
_cell.length_a   157.090
_cell.length_b   157.090
_cell.length_c   111.450
_cell.angle_alpha   90.00
_cell.angle_beta   90.00
_cell.angle_gamma   90.00
#
_symmetry.space_group_name_H-M   'P 43 21 2'
#
loop_
_entity.id
_entity.type
_entity.pdbx_description
1 polymer 'Meso-diaminopimelate D-dehydrogenase'
2 non-polymer 'NADP NICOTINAMIDE-ADENINE-DINUCLEOTIDE PHOSPHATE'
3 water water
#
_entity_poly.entity_id   1
_entity_poly.type   'polypeptide(L)'
_entity_poly.pdbx_seq_one_letter_code
;MHHHHHHSEIRTERPIRVAIIGYGNIGQYALQAVEEAPDMELAGVVRRQSSLEKPLPRELHGVSVVSDVSALGQVDVAVL
CTPTRETPAIAKELLARGIHTIDSFDIHQEIVQVRHELDEVARAHQAVAILAAGTDPGTCSMIRSILEFMAPYGITYTNV
GPGMSMGHSVAVKAIEGVKDALALTIPIGTGLHRRMVYVELEEGADFATVKERILQDPYFVHDETHVLQVDDVKQLIDRG
IGVRMERKGVSGQTQNQLFTYEMRINNPALTSQVMIASARAAMRQKPGAYTMIEIPIIDFLYGDRDELIRRLV
;
_entity_poly.pdbx_strand_id   A,B,C
#
# COMPACT_ATOMS: atom_id res chain seq x y z
N THR A 12 -20.69 17.25 17.06
CA THR A 12 -20.66 16.63 15.74
C THR A 12 -21.83 15.64 15.51
N GLU A 13 -22.69 15.45 16.52
CA GLU A 13 -23.95 14.69 16.52
C GLU A 13 -23.87 13.52 17.48
N ARG A 14 -23.11 12.48 17.15
CA ARG A 14 -22.78 11.41 18.09
C ARG A 14 -21.26 11.29 18.11
N PRO A 15 -20.59 11.93 19.06
CA PRO A 15 -19.11 11.94 19.04
C PRO A 15 -18.51 10.54 19.16
N ILE A 16 -17.24 10.46 18.76
CA ILE A 16 -16.46 9.22 18.89
C ILE A 16 -16.08 9.04 20.36
N ARG A 17 -16.45 7.90 20.96
CA ARG A 17 -16.12 7.59 22.35
C ARG A 17 -14.75 6.92 22.41
N VAL A 18 -13.80 7.59 23.06
CA VAL A 18 -12.40 7.16 23.05
C VAL A 18 -12.01 6.77 24.45
N ALA A 19 -11.33 5.65 24.57
CA ALA A 19 -10.78 5.16 25.83
C ALA A 19 -9.26 5.26 25.77
N ILE A 20 -8.64 5.73 26.85
CA ILE A 20 -7.19 5.80 26.95
C ILE A 20 -6.70 4.62 27.77
N ILE A 21 -5.76 3.85 27.22
CA ILE A 21 -5.28 2.62 27.84
C ILE A 21 -3.86 2.85 28.34
N GLY A 22 -3.69 2.96 29.65
CA GLY A 22 -2.40 3.28 30.22
C GLY A 22 -2.24 4.77 30.43
N TYR A 23 -2.18 5.17 31.69
CA TYR A 23 -2.07 6.58 32.05
C TYR A 23 -0.64 6.91 32.45
N GLY A 24 0.24 6.89 31.45
CA GLY A 24 1.63 7.35 31.55
C GLY A 24 1.82 8.71 30.90
N ASN A 25 3.05 8.98 30.45
CA ASN A 25 3.30 10.25 29.78
C ASN A 25 2.32 10.49 28.64
N ILE A 26 2.25 9.54 27.71
CA ILE A 26 1.40 9.69 26.54
C ILE A 26 -0.08 9.74 26.91
N GLY A 27 -0.50 9.00 27.93
CA GLY A 27 -1.89 9.03 28.32
C GLY A 27 -2.33 10.38 28.88
N GLN A 28 -1.45 11.05 29.62
CA GLN A 28 -1.83 12.37 30.11
C GLN A 28 -1.97 13.35 28.97
N TYR A 29 -1.06 13.32 28.00
CA TYR A 29 -1.20 14.23 26.87
C TYR A 29 -2.39 13.85 26.00
N ALA A 30 -2.60 12.55 25.77
CA ALA A 30 -3.73 12.05 24.97
C ALA A 30 -5.07 12.49 25.54
N LEU A 31 -5.16 12.63 26.86
CA LEU A 31 -6.40 13.12 27.46
C LEU A 31 -6.70 14.55 27.03
N GLN A 32 -5.67 15.40 27.00
CA GLN A 32 -5.85 16.75 26.45
C GLN A 32 -6.23 16.71 24.96
N ALA A 33 -5.57 15.87 24.16
CA ALA A 33 -5.94 15.78 22.75
C ALA A 33 -7.40 15.37 22.59
N VAL A 34 -7.84 14.36 23.34
CA VAL A 34 -9.24 13.94 23.26
C VAL A 34 -10.17 15.10 23.65
N GLU A 35 -9.84 15.78 24.75
CA GLU A 35 -10.67 16.89 25.18
C GLU A 35 -10.84 17.91 24.06
N GLU A 36 -9.72 18.37 23.49
CA GLU A 36 -9.74 19.42 22.47
C GLU A 36 -10.41 18.99 21.17
N ALA A 37 -10.42 17.70 20.85
CA ALA A 37 -10.92 17.30 19.55
C ALA A 37 -12.45 17.46 19.51
N PRO A 38 -12.98 18.12 18.49
CA PRO A 38 -14.42 18.44 18.49
C PRO A 38 -15.31 17.26 18.21
N ASP A 39 -14.82 16.22 17.53
CA ASP A 39 -15.63 15.07 17.18
C ASP A 39 -15.47 13.90 18.16
N MET A 40 -14.82 14.11 19.31
CA MET A 40 -14.65 13.00 20.21
C MET A 40 -14.90 13.44 21.64
N GLU A 41 -15.19 12.45 22.49
CA GLU A 41 -15.39 12.61 23.91
C GLU A 41 -14.71 11.44 24.62
N LEU A 42 -14.19 11.71 25.82
CA LEU A 42 -13.46 10.69 26.56
C LEU A 42 -14.43 9.71 27.22
N ALA A 43 -14.21 8.42 26.98
CA ALA A 43 -15.04 7.39 27.60
C ALA A 43 -14.54 7.00 28.98
N GLY A 44 -13.26 7.15 29.22
CA GLY A 44 -12.65 6.74 30.47
C GLY A 44 -11.21 6.38 30.19
N VAL A 45 -10.52 6.05 31.29
CA VAL A 45 -9.13 5.60 31.26
C VAL A 45 -9.09 4.20 31.84
N VAL A 46 -8.27 3.33 31.25
CA VAL A 46 -8.08 1.97 31.73
C VAL A 46 -6.66 1.83 32.28
N ARG A 47 -6.54 1.37 33.54
CA ARG A 47 -5.26 1.26 34.23
C ARG A 47 -5.15 -0.12 34.86
N ARG A 48 -3.91 -0.56 35.09
CA ARG A 48 -3.70 -1.78 35.90
C ARG A 48 -4.30 -1.60 37.29
N GLN A 49 -4.70 -2.73 37.90
CA GLN A 49 -5.34 -2.65 39.23
C GLN A 49 -4.41 -2.04 40.26
N SER A 50 -3.10 -2.31 40.12
CA SER A 50 -2.11 -1.69 41.00
C SER A 50 -2.24 -0.18 41.04
N SER A 51 -2.43 0.45 39.86
CA SER A 51 -2.48 1.91 39.82
C SER A 51 -3.79 2.44 40.35
N LEU A 52 -4.87 1.67 40.23
CA LEU A 52 -6.14 2.10 40.78
C LEU A 52 -6.06 2.25 42.29
N GLU A 53 -5.24 1.39 42.92
CA GLU A 53 -5.03 1.41 44.35
C GLU A 53 -4.18 2.61 44.78
N LYS A 54 -3.41 3.19 43.88
CA LYS A 54 -2.79 4.46 44.19
C LYS A 54 -3.83 5.56 44.13
N PRO A 55 -3.57 6.72 44.73
CA PRO A 55 -4.59 7.77 44.79
C PRO A 55 -4.95 8.31 43.41
N LEU A 56 -6.11 8.97 43.34
CA LEU A 56 -6.60 9.47 42.07
C LEU A 56 -5.99 10.84 41.75
N PRO A 57 -5.38 11.00 40.58
CA PRO A 57 -4.89 12.32 40.17
C PRO A 57 -6.02 13.33 39.98
N ARG A 58 -5.67 14.61 40.08
CA ARG A 58 -6.69 15.65 40.06
C ARG A 58 -7.33 15.80 38.68
N GLU A 59 -6.54 15.60 37.62
CA GLU A 59 -7.05 15.81 36.26
C GLU A 59 -8.09 14.76 35.92
N LEU A 60 -8.12 13.65 36.65
CA LEU A 60 -9.03 12.53 36.44
C LEU A 60 -10.27 12.63 37.34
N HIS A 61 -10.50 13.76 38.00
CA HIS A 61 -11.71 13.91 38.80
C HIS A 61 -12.90 14.03 37.87
N GLY A 62 -13.89 13.16 38.06
CA GLY A 62 -15.00 13.10 37.15
C GLY A 62 -14.76 12.23 35.94
N VAL A 63 -13.67 11.49 35.91
CA VAL A 63 -13.32 10.61 34.80
C VAL A 63 -13.49 9.17 35.26
N SER A 64 -14.26 8.40 34.50
CA SER A 64 -14.30 6.96 34.72
C SER A 64 -12.90 6.38 34.58
N VAL A 65 -12.41 5.73 35.63
CA VAL A 65 -11.06 5.19 35.67
C VAL A 65 -11.15 3.76 36.20
N VAL A 66 -10.90 2.78 35.34
CA VAL A 66 -11.30 1.39 35.57
C VAL A 66 -10.15 0.47 35.16
N SER A 67 -10.31 -0.84 35.45
CA SER A 67 -9.29 -1.82 35.10
C SER A 67 -9.56 -2.62 33.82
N ASP A 68 -10.77 -2.54 33.27
CA ASP A 68 -11.09 -3.19 32.00
C ASP A 68 -12.01 -2.27 31.22
N VAL A 69 -11.88 -2.31 29.89
CA VAL A 69 -12.67 -1.46 29.03
C VAL A 69 -14.16 -1.78 29.06
N SER A 70 -14.54 -2.97 29.52
CA SER A 70 -15.98 -3.33 29.62
C SER A 70 -16.68 -2.35 30.57
N ALA A 71 -16.01 -1.97 31.66
CA ALA A 71 -16.59 -1.03 32.61
C ALA A 71 -16.83 0.35 32.00
N LEU A 72 -16.26 0.64 30.84
CA LEU A 72 -16.48 1.94 30.21
C LEU A 72 -17.74 1.94 29.38
N GLY A 73 -18.10 0.80 28.83
CA GLY A 73 -19.31 0.69 28.05
C GLY A 73 -19.30 1.55 26.81
N GLN A 74 -19.34 0.90 25.65
CA GLN A 74 -19.44 1.60 24.38
C GLN A 74 -18.19 2.45 24.12
N VAL A 75 -17.18 1.81 23.56
CA VAL A 75 -15.90 2.42 23.26
C VAL A 75 -15.69 2.23 21.76
N ASP A 76 -15.68 3.33 21.00
CA ASP A 76 -15.36 3.23 19.59
C ASP A 76 -13.88 2.89 19.38
N VAL A 77 -12.99 3.62 20.04
CA VAL A 77 -11.56 3.53 19.79
C VAL A 77 -10.81 3.45 21.11
N ALA A 78 -9.81 2.58 21.17
CA ALA A 78 -8.89 2.51 22.30
C ALA A 78 -7.54 3.06 21.85
N VAL A 79 -7.05 4.06 22.57
CA VAL A 79 -5.77 4.70 22.25
C VAL A 79 -4.76 4.10 23.21
N LEU A 80 -3.95 3.18 22.72
CA LEU A 80 -3.03 2.44 23.58
C LEU A 80 -1.83 3.29 23.91
N CYS A 81 -1.65 3.63 25.18
CA CYS A 81 -0.50 4.38 25.64
C CYS A 81 0.38 3.53 26.55
N THR A 82 0.52 2.24 26.20
CA THR A 82 1.16 1.20 26.99
C THR A 82 2.60 0.98 26.54
N PRO A 83 3.43 0.35 27.37
CA PRO A 83 4.83 0.13 26.96
C PRO A 83 4.90 -0.69 25.69
N THR A 84 5.89 -0.34 24.86
CA THR A 84 6.06 -1.00 23.56
C THR A 84 5.86 -2.50 23.61
N ARG A 85 6.61 -3.18 24.48
CA ARG A 85 6.59 -4.64 24.51
C ARG A 85 5.18 -5.18 24.74
N GLU A 86 4.39 -4.51 25.55
CA GLU A 86 3.11 -5.08 25.96
C GLU A 86 1.96 -4.75 25.01
N THR A 87 2.19 -3.85 24.04
CA THR A 87 1.11 -3.20 23.31
C THR A 87 0.52 -4.06 22.20
N PRO A 88 1.31 -4.76 21.36
CA PRO A 88 0.67 -5.62 20.34
C PRO A 88 -0.31 -6.61 20.93
N ALA A 89 0.05 -7.23 22.08
CA ALA A 89 -0.88 -8.14 22.75
C ALA A 89 -2.11 -7.42 23.29
N ILE A 90 -1.94 -6.22 23.83
CA ILE A 90 -3.11 -5.48 24.30
C ILE A 90 -4.00 -5.10 23.13
N ALA A 91 -3.41 -4.63 22.02
CA ALA A 91 -4.20 -4.28 20.83
C ALA A 91 -5.00 -5.47 20.33
N LYS A 92 -4.38 -6.66 20.21
CA LYS A 92 -5.12 -7.83 19.76
C LYS A 92 -6.40 -8.06 20.56
N GLU A 93 -6.33 -7.99 21.90
CA GLU A 93 -7.52 -8.28 22.71
C GLU A 93 -8.65 -7.31 22.39
N LEU A 94 -8.34 -6.01 22.34
CA LEU A 94 -9.39 -5.03 22.08
C LEU A 94 -9.98 -5.21 20.70
N LEU A 95 -9.13 -5.30 19.67
CA LEU A 95 -9.58 -5.64 18.32
C LEU A 95 -10.58 -6.80 18.34
N ALA A 96 -10.21 -7.87 19.05
CA ALA A 96 -11.08 -9.05 19.16
C ALA A 96 -12.44 -8.72 19.75
N ARG A 97 -12.59 -7.62 20.46
CA ARG A 97 -13.91 -7.16 20.88
C ARG A 97 -14.57 -6.22 19.88
N GLY A 98 -13.98 -6.05 18.69
CA GLY A 98 -14.51 -5.12 17.71
C GLY A 98 -14.25 -3.67 18.03
N ILE A 99 -13.29 -3.40 18.92
CA ILE A 99 -12.86 -2.05 19.26
C ILE A 99 -11.64 -1.67 18.43
N HIS A 100 -11.73 -0.56 17.70
CA HIS A 100 -10.58 -0.06 16.96
C HIS A 100 -9.45 0.28 17.92
N THR A 101 -8.21 0.18 17.45
CA THR A 101 -7.06 0.52 18.29
C THR A 101 -6.06 1.42 17.57
N ILE A 102 -5.56 2.41 18.30
CA ILE A 102 -4.43 3.22 17.89
C ILE A 102 -3.27 2.91 18.83
N ASP A 103 -2.08 2.78 18.27
CA ASP A 103 -0.88 2.64 19.08
C ASP A 103 0.24 3.40 18.37
N SER A 104 1.35 3.57 19.08
CA SER A 104 2.53 4.20 18.50
C SER A 104 3.75 3.32 18.72
N PHE A 105 3.56 2.00 18.66
CA PHE A 105 4.61 1.00 18.62
C PHE A 105 5.84 1.51 17.87
N ASP A 106 7.03 1.46 18.51
CA ASP A 106 8.17 2.18 17.98
C ASP A 106 9.39 1.33 17.62
N ILE A 107 9.27 0.00 17.53
CA ILE A 107 10.37 -0.81 17.03
C ILE A 107 10.18 -0.94 15.52
N HIS A 108 10.97 -0.18 14.76
CA HIS A 108 10.83 -0.13 13.32
C HIS A 108 10.91 -1.53 12.71
N GLN A 109 11.86 -2.35 13.17
CA GLN A 109 12.10 -3.62 12.50
C GLN A 109 11.01 -4.65 12.75
N GLU A 110 10.06 -4.40 13.65
CA GLU A 110 9.01 -5.38 13.88
C GLU A 110 7.66 -4.90 13.38
N ILE A 111 7.61 -3.73 12.74
CA ILE A 111 6.34 -3.14 12.34
C ILE A 111 5.63 -4.02 11.32
N VAL A 112 6.34 -4.47 10.27
CA VAL A 112 5.71 -5.27 9.22
C VAL A 112 5.06 -6.51 9.82
N GLN A 113 5.79 -7.22 10.69
CA GLN A 113 5.24 -8.42 11.33
C GLN A 113 4.07 -8.08 12.24
N VAL A 114 4.22 -7.04 13.08
CA VAL A 114 3.13 -6.61 13.95
C VAL A 114 1.92 -6.23 13.11
N ARG A 115 2.14 -5.53 12.00
CA ARG A 115 1.03 -5.17 11.13
C ARG A 115 0.29 -6.40 10.61
N HIS A 116 1.02 -7.44 10.18
CA HIS A 116 0.34 -8.67 9.76
C HIS A 116 -0.46 -9.26 10.89
N GLU A 117 0.11 -9.29 12.10
CA GLU A 117 -0.60 -9.92 13.21
C GLU A 117 -1.88 -9.17 13.57
N LEU A 118 -1.81 -7.82 13.65
CA LEU A 118 -3.02 -7.02 13.91
C LEU A 118 -4.02 -7.12 12.75
N ASP A 119 -3.53 -7.32 11.53
CA ASP A 119 -4.43 -7.32 10.38
C ASP A 119 -5.38 -8.51 10.43
N GLU A 120 -4.85 -9.68 10.85
CA GLU A 120 -5.69 -10.87 10.94
C GLU A 120 -6.84 -10.63 11.91
N VAL A 121 -6.50 -10.29 13.17
CA VAL A 121 -7.52 -10.11 14.21
C VAL A 121 -8.54 -9.07 13.79
N ALA A 122 -8.08 -7.92 13.28
CA ALA A 122 -8.96 -6.79 12.99
C ALA A 122 -9.95 -7.13 11.88
N ARG A 123 -9.47 -7.73 10.79
CA ARG A 123 -10.35 -8.18 9.72
C ARG A 123 -11.34 -9.21 10.24
N ALA A 124 -10.87 -10.13 11.08
CA ALA A 124 -11.74 -11.16 11.63
C ALA A 124 -12.89 -10.57 12.41
N HIS A 125 -12.69 -9.39 13.05
CA HIS A 125 -13.67 -8.85 13.98
C HIS A 125 -14.17 -7.46 13.59
N GLN A 126 -14.06 -7.09 12.31
CA GLN A 126 -14.66 -5.84 11.80
C GLN A 126 -14.16 -4.62 12.57
N ALA A 127 -12.87 -4.61 12.89
CA ALA A 127 -12.20 -3.50 13.54
C ALA A 127 -11.04 -2.99 12.71
N VAL A 128 -10.61 -1.76 13.02
CA VAL A 128 -9.48 -1.09 12.40
C VAL A 128 -8.41 -0.93 13.46
N ALA A 129 -7.18 -1.24 13.10
CA ALA A 129 -6.02 -0.84 13.88
C ALA A 129 -5.14 0.07 13.03
N ILE A 130 -4.65 1.14 13.63
CA ILE A 130 -3.60 1.96 13.05
C ILE A 130 -2.40 1.83 13.98
N LEU A 131 -1.27 1.44 13.44
CA LEU A 131 -0.13 1.14 14.29
C LEU A 131 1.03 2.05 13.96
N ALA A 132 1.91 2.22 14.95
CA ALA A 132 3.16 2.95 14.75
C ALA A 132 2.87 4.39 14.36
N ALA A 133 1.88 4.97 15.02
CA ALA A 133 1.32 6.25 14.63
C ALA A 133 1.64 7.28 15.71
N GLY A 134 2.94 7.59 15.84
CA GLY A 134 3.38 8.62 16.76
C GLY A 134 4.19 9.67 16.02
N THR A 135 5.32 10.08 16.61
CA THR A 135 6.24 10.97 15.91
C THR A 135 7.14 10.20 14.95
N ASP A 136 8.15 9.47 15.46
CA ASP A 136 9.17 9.11 14.47
C ASP A 136 8.72 7.89 13.69
N PRO A 137 8.22 6.85 14.35
CA PRO A 137 7.23 6.04 13.62
C PRO A 137 5.94 6.84 13.71
N GLY A 138 5.46 7.29 12.56
CA GLY A 138 4.24 8.04 12.51
C GLY A 138 4.30 9.13 11.48
N THR A 139 4.23 10.40 11.92
CA THR A 139 4.24 11.48 10.94
C THR A 139 5.61 11.62 10.26
N CYS A 140 6.70 11.37 10.99
CA CYS A 140 7.98 11.34 10.31
C CYS A 140 7.98 10.30 9.20
N SER A 141 7.32 9.14 9.41
CA SER A 141 7.18 8.14 8.35
C SER A 141 6.53 8.74 7.12
N MET A 142 5.45 9.50 7.32
CA MET A 142 4.69 10.04 6.20
C MET A 142 5.53 11.03 5.39
N ILE A 143 6.20 11.95 6.10
CA ILE A 143 7.12 12.89 5.47
C ILE A 143 8.19 12.13 4.70
N ARG A 144 8.92 11.27 5.41
CA ARG A 144 9.98 10.47 4.79
C ARG A 144 9.51 9.77 3.52
N SER A 145 8.24 9.40 3.45
CA SER A 145 7.73 8.66 2.30
C SER A 145 7.35 9.59 1.14
N ILE A 146 6.88 10.79 1.44
CA ILE A 146 6.63 11.75 0.38
C ILE A 146 7.95 12.18 -0.27
N LEU A 147 9.00 12.32 0.54
CA LEU A 147 10.31 12.63 -0.01
C LEU A 147 10.75 11.54 -0.98
N GLU A 148 10.44 10.28 -0.68
CA GLU A 148 10.96 9.21 -1.52
C GLU A 148 10.38 9.26 -2.91
N PHE A 149 9.07 9.42 -3.04
CA PHE A 149 8.53 9.43 -4.40
C PHE A 149 8.78 10.75 -5.12
N MET A 150 9.09 11.82 -4.38
CA MET A 150 9.47 13.10 -5.02
C MET A 150 10.87 13.03 -5.63
N ALA A 151 11.77 12.24 -5.03
CA ALA A 151 13.16 12.13 -5.50
C ALA A 151 13.62 10.70 -5.29
N PRO A 152 13.27 9.79 -6.22
CA PRO A 152 13.46 8.37 -5.95
C PRO A 152 14.92 7.94 -5.81
N TYR A 153 15.89 8.67 -6.36
CA TYR A 153 17.31 8.30 -6.20
C TYR A 153 17.97 9.23 -5.22
N GLY A 154 18.68 8.66 -4.25
CA GLY A 154 19.36 9.47 -3.27
C GLY A 154 19.22 8.84 -1.91
N ILE A 155 19.43 9.64 -0.87
CA ILE A 155 19.52 9.16 0.50
C ILE A 155 18.78 10.12 1.42
N THR A 156 18.04 9.57 2.37
CA THR A 156 17.39 10.32 3.42
C THR A 156 18.10 10.05 4.74
N TYR A 157 18.31 11.10 5.51
CA TYR A 157 18.83 11.01 6.87
C TYR A 157 17.82 11.64 7.81
N THR A 158 17.52 10.93 8.91
CA THR A 158 16.66 11.42 9.98
C THR A 158 17.49 11.60 11.24
N ASN A 159 17.66 12.85 11.67
CA ASN A 159 18.47 13.17 12.83
C ASN A 159 17.58 13.65 13.97
N VAL A 160 17.44 12.83 15.00
CA VAL A 160 16.62 13.20 16.15
C VAL A 160 17.48 13.99 17.15
N GLY A 161 17.10 15.24 17.35
CA GLY A 161 17.90 16.23 18.03
C GLY A 161 17.96 15.88 19.50
N PRO A 162 18.86 16.54 20.23
CA PRO A 162 19.08 16.19 21.63
C PRO A 162 17.75 16.05 22.36
N GLY A 163 17.57 14.90 22.99
CA GLY A 163 16.32 14.53 23.61
C GLY A 163 16.44 13.11 24.11
N MET A 164 15.74 12.80 25.21
CA MET A 164 15.86 11.48 25.83
C MET A 164 15.19 10.40 25.00
N SER A 165 15.93 9.35 24.70
CA SER A 165 15.31 8.09 24.33
C SER A 165 15.02 7.33 25.61
N MET A 166 13.74 7.01 25.84
CA MET A 166 13.38 6.33 27.07
C MET A 166 13.73 4.84 27.04
N GLY A 167 13.61 4.20 25.88
CA GLY A 167 14.03 2.80 25.79
C GLY A 167 15.45 2.61 26.25
N HIS A 168 16.34 3.54 25.90
CA HIS A 168 17.75 3.47 26.26
C HIS A 168 18.03 4.01 27.65
N SER A 169 17.24 4.98 28.11
CA SER A 169 17.40 5.50 29.47
C SER A 169 17.03 4.43 30.49
N VAL A 170 15.90 3.75 30.28
CA VAL A 170 15.49 2.68 31.17
C VAL A 170 16.46 1.51 31.10
N ALA A 171 17.09 1.31 29.94
CA ALA A 171 18.17 0.33 29.84
C ALA A 171 19.24 0.59 30.88
N VAL A 172 19.62 1.86 31.08
CA VAL A 172 20.70 2.18 32.01
C VAL A 172 20.25 2.03 33.46
N LYS A 173 19.00 2.44 33.76
CA LYS A 173 18.45 2.22 35.09
C LYS A 173 18.57 0.75 35.48
N ALA A 174 18.56 -0.16 34.51
CA ALA A 174 18.57 -1.59 34.80
C ALA A 174 19.93 -2.10 35.29
N ILE A 175 21.05 -1.50 34.84
CA ILE A 175 22.36 -2.07 35.17
C ILE A 175 22.69 -1.89 36.64
N GLU A 176 23.68 -2.64 37.11
CA GLU A 176 24.03 -2.72 38.52
C GLU A 176 24.85 -1.51 38.94
N GLY A 177 24.63 -1.07 40.18
CA GLY A 177 25.24 0.12 40.70
C GLY A 177 24.68 1.37 40.03
N VAL A 178 23.36 1.43 39.86
CA VAL A 178 22.72 2.55 39.16
C VAL A 178 21.46 2.95 39.92
N LYS A 179 21.57 3.96 40.80
CA LYS A 179 20.37 4.45 41.48
C LYS A 179 19.37 5.03 40.48
N ASP A 180 19.78 6.09 39.79
CA ASP A 180 18.97 6.65 38.70
C ASP A 180 19.86 7.02 37.53
N ALA A 181 19.29 6.97 36.32
CA ALA A 181 20.04 7.34 35.14
C ALA A 181 19.14 8.04 34.12
N LEU A 182 19.76 8.93 33.34
CA LEU A 182 19.17 9.57 32.17
C LEU A 182 20.15 9.43 31.00
N ALA A 183 19.66 8.85 29.89
CA ALA A 183 20.48 8.55 28.73
C ALA A 183 19.87 9.21 27.50
N LEU A 184 20.62 10.12 26.88
CA LEU A 184 20.14 10.87 25.73
C LEU A 184 20.74 10.32 24.44
N THR A 185 19.94 10.40 23.37
CA THR A 185 20.45 10.23 22.03
C THR A 185 20.61 11.61 21.41
N ILE A 186 21.78 11.84 20.81
CA ILE A 186 22.21 13.14 20.33
C ILE A 186 22.60 12.95 18.86
N PRO A 187 22.05 13.73 17.93
CA PRO A 187 22.45 13.57 16.54
C PRO A 187 23.87 14.06 16.34
N ILE A 188 24.63 13.30 15.56
CA ILE A 188 25.96 13.78 15.20
C ILE A 188 26.08 13.71 13.68
N GLY A 189 24.95 13.86 12.99
CA GLY A 189 24.95 13.98 11.55
C GLY A 189 24.70 12.65 10.87
N THR A 190 24.34 12.73 9.57
CA THR A 190 24.26 11.57 8.67
C THR A 190 23.49 10.40 9.27
N GLY A 191 22.47 10.70 10.07
CA GLY A 191 21.68 9.65 10.66
C GLY A 191 22.34 8.94 11.82
N LEU A 192 23.59 9.26 12.11
CA LEU A 192 24.35 8.74 13.25
C LEU A 192 24.02 9.50 14.53
N HIS A 193 24.34 8.87 15.67
CA HIS A 193 23.92 9.40 16.95
C HIS A 193 24.94 9.05 18.02
N ARG A 194 25.21 10.00 18.89
CA ARG A 194 26.00 9.78 20.09
C ARG A 194 25.07 9.67 21.30
N ARG A 195 25.58 9.08 22.37
CA ARG A 195 24.79 8.78 23.56
C ARG A 195 25.39 9.45 24.78
N MET A 196 24.56 10.18 25.51
CA MET A 196 24.99 10.90 26.70
C MET A 196 24.25 10.31 27.90
N VAL A 197 25.02 9.77 28.83
CA VAL A 197 24.48 9.03 29.95
C VAL A 197 24.81 9.82 31.22
N TYR A 198 23.77 10.23 31.93
CA TYR A 198 23.92 10.91 33.21
C TYR A 198 23.47 9.95 34.29
N VAL A 199 24.35 9.65 35.23
CA VAL A 199 24.09 8.62 36.24
C VAL A 199 24.10 9.24 37.61
N GLU A 200 23.17 8.79 38.46
CA GLU A 200 23.08 9.18 39.86
C GLU A 200 23.55 8.01 40.71
N LEU A 201 24.70 8.19 41.36
CA LEU A 201 25.25 7.17 42.26
C LEU A 201 25.57 7.76 43.64
N LYS A 211 37.23 5.52 34.12
CA LYS A 211 36.92 4.13 34.45
C LYS A 211 35.86 4.07 35.55
N GLU A 212 36.30 4.33 36.78
CA GLU A 212 35.45 4.46 37.96
C GLU A 212 34.48 3.29 38.08
N ARG A 213 33.39 3.32 37.32
CA ARG A 213 32.32 2.36 37.51
C ARG A 213 32.47 1.21 36.55
N ILE A 214 31.65 0.19 36.77
CA ILE A 214 31.60 -0.97 35.88
C ILE A 214 30.79 -0.60 34.64
N LEU A 215 30.87 0.69 34.25
CA LEU A 215 30.09 1.20 33.13
C LEU A 215 30.19 0.30 31.92
N GLN A 216 31.40 -0.19 31.63
CA GLN A 216 31.76 -0.96 30.45
C GLN A 216 30.81 -0.72 29.27
N ASP A 217 30.17 -1.79 28.78
CA ASP A 217 29.21 -1.68 27.69
C ASP A 217 28.22 -2.85 27.72
N PRO A 218 27.30 -2.85 28.70
CA PRO A 218 26.10 -3.70 28.55
C PRO A 218 25.28 -3.26 27.35
N TYR A 219 25.61 -3.81 26.18
CA TYR A 219 25.34 -3.24 24.86
C TYR A 219 25.91 -1.80 24.88
N PHE A 220 25.32 -0.82 24.18
CA PHE A 220 25.89 0.53 24.06
C PHE A 220 27.21 0.54 23.30
N VAL A 221 27.91 -0.60 23.31
CA VAL A 221 29.28 -0.69 22.80
C VAL A 221 29.35 -0.25 21.34
N HIS A 222 28.34 -0.58 20.55
CA HIS A 222 28.31 -0.18 19.16
C HIS A 222 27.75 1.22 19.01
N ASP A 223 27.93 2.07 20.03
CA ASP A 223 27.61 3.49 19.97
C ASP A 223 28.68 4.26 20.73
N GLU A 224 29.14 5.37 20.15
CA GLU A 224 30.00 6.29 20.89
C GLU A 224 29.25 6.83 22.11
N THR A 225 29.86 6.73 23.28
CA THR A 225 29.11 6.98 24.50
C THR A 225 29.95 7.78 25.48
N HIS A 226 29.29 8.67 26.19
CA HIS A 226 29.92 9.48 27.22
C HIS A 226 29.07 9.36 28.48
N VAL A 227 29.72 9.08 29.61
CA VAL A 227 29.03 8.93 30.89
C VAL A 227 29.40 10.08 31.81
N LEU A 228 28.48 10.42 32.70
CA LEU A 228 28.65 11.54 33.62
C LEU A 228 27.79 11.32 34.86
N GLN A 229 28.41 11.41 36.03
CA GLN A 229 27.70 11.35 37.29
C GLN A 229 27.15 12.73 37.63
N VAL A 230 25.87 12.80 37.96
CA VAL A 230 25.24 14.05 38.35
C VAL A 230 24.53 13.85 39.68
N ASP A 231 24.15 14.96 40.30
CA ASP A 231 23.50 14.89 41.61
C ASP A 231 22.08 14.38 41.50
N ASP A 232 21.29 14.92 40.55
CA ASP A 232 19.86 14.65 40.53
C ASP A 232 19.39 14.62 39.07
N VAL A 233 19.38 13.41 38.49
CA VAL A 233 18.99 13.28 37.10
C VAL A 233 17.56 13.76 36.84
N LYS A 234 16.71 13.78 37.86
CA LYS A 234 15.38 14.38 37.68
C LYS A 234 15.50 15.84 37.29
N GLN A 235 16.48 16.55 37.83
CA GLN A 235 16.65 17.96 37.49
C GLN A 235 16.98 18.16 36.00
N LEU A 236 17.33 17.11 35.26
CA LEU A 236 17.77 17.24 33.88
C LEU A 236 16.69 16.96 32.84
N ILE A 237 15.47 16.63 33.24
CA ILE A 237 14.53 16.00 32.32
C ILE A 237 13.65 17.04 31.66
N ASP A 238 13.59 16.99 30.33
CA ASP A 238 12.66 17.80 29.56
C ASP A 238 12.18 16.97 28.39
N ARG A 239 10.88 16.96 28.16
CA ARG A 239 10.30 16.06 27.16
C ARG A 239 10.19 16.72 25.77
N GLY A 240 11.02 17.71 25.48
CA GLY A 240 11.07 18.24 24.13
C GLY A 240 12.09 17.51 23.28
N ILE A 241 12.02 17.67 21.97
CA ILE A 241 12.94 16.97 21.10
C ILE A 241 12.97 17.69 19.76
N GLY A 242 14.10 17.58 19.07
CA GLY A 242 14.25 18.12 17.73
C GLY A 242 14.33 16.99 16.73
N VAL A 243 13.84 17.23 15.52
CA VAL A 243 13.94 16.27 14.43
C VAL A 243 14.33 17.04 13.20
N ARG A 244 15.41 16.61 12.53
CA ARG A 244 15.86 17.16 11.26
C ARG A 244 16.01 16.03 10.25
N MET A 245 15.19 16.09 9.21
CA MET A 245 15.15 15.07 8.17
C MET A 245 15.65 15.70 6.88
N GLU A 246 16.62 15.06 6.21
CA GLU A 246 17.23 15.67 5.03
C GLU A 246 17.34 14.68 3.89
N ARG A 247 17.00 15.12 2.69
CA ARG A 247 17.18 14.28 1.51
C ARG A 247 17.73 15.11 0.36
N LYS A 248 18.75 14.58 -0.31
CA LYS A 248 19.22 15.06 -1.60
C LYS A 248 18.99 13.96 -2.61
N GLY A 249 18.29 14.26 -3.70
CA GLY A 249 18.10 13.21 -4.69
C GLY A 249 17.68 13.72 -6.05
N VAL A 250 17.30 12.76 -6.90
CA VAL A 250 16.97 12.98 -8.30
C VAL A 250 15.45 12.97 -8.47
N SER A 251 14.90 14.00 -9.12
CA SER A 251 13.52 13.98 -9.60
C SER A 251 13.54 13.63 -11.09
N GLY A 252 12.97 12.48 -11.46
CA GLY A 252 13.11 12.00 -12.83
C GLY A 252 14.56 11.73 -13.19
N GLN A 253 15.23 12.70 -13.82
CA GLN A 253 16.65 12.58 -14.10
C GLN A 253 17.48 13.78 -13.63
N THR A 254 16.83 14.84 -13.14
CA THR A 254 17.48 16.03 -12.61
C THR A 254 18.04 15.80 -11.21
N GLN A 255 19.33 16.06 -11.04
CA GLN A 255 20.03 15.89 -9.77
C GLN A 255 19.88 17.12 -8.88
N ASN A 256 20.34 16.97 -7.63
CA ASN A 256 20.55 18.08 -6.69
C ASN A 256 19.23 18.67 -6.19
N GLN A 257 18.20 17.85 -6.13
CA GLN A 257 16.96 18.25 -5.47
C GLN A 257 17.14 18.17 -3.94
N LEU A 258 16.87 19.28 -3.23
CA LEU A 258 17.16 19.37 -1.80
C LEU A 258 15.89 19.55 -0.99
N PHE A 259 15.74 18.70 0.04
CA PHE A 259 14.58 18.66 0.91
C PHE A 259 15.02 18.63 2.37
N THR A 260 14.36 19.46 3.19
CA THR A 260 14.66 19.56 4.61
C THR A 260 13.36 19.71 5.40
N TYR A 261 13.24 18.92 6.46
CA TYR A 261 12.08 18.95 7.34
C TYR A 261 12.57 18.94 8.77
N GLU A 262 12.10 19.89 9.56
CA GLU A 262 12.55 20.02 10.94
C GLU A 262 11.36 20.34 11.85
N MET A 263 11.35 19.75 13.05
CA MET A 263 10.39 20.10 14.09
C MET A 263 11.09 20.29 15.41
N ARG A 264 10.65 21.30 16.15
CA ARG A 264 10.99 21.46 17.55
C ARG A 264 9.67 21.37 18.30
N ILE A 265 9.46 20.28 19.05
CA ILE A 265 8.13 19.97 19.55
C ILE A 265 8.20 19.34 20.94
N ASN A 266 7.05 19.41 21.64
CA ASN A 266 6.77 18.54 22.79
C ASN A 266 6.50 17.13 22.28
N ASN A 267 7.38 16.19 22.61
CA ASN A 267 7.28 14.86 22.00
C ASN A 267 6.00 14.14 22.42
N PRO A 268 5.67 14.01 23.71
CA PRO A 268 4.42 13.33 24.04
C PRO A 268 3.20 14.10 23.57
N ALA A 269 3.24 15.42 23.58
CA ALA A 269 2.11 16.17 23.05
C ALA A 269 1.87 15.83 21.58
N LEU A 270 2.94 15.75 20.79
CA LEU A 270 2.81 15.41 19.38
C LEU A 270 2.28 14.00 19.21
N THR A 271 3.00 13.04 19.80
CA THR A 271 2.66 11.64 19.63
C THR A 271 1.18 11.40 19.95
N SER A 272 0.71 11.96 21.06
CA SER A 272 -0.68 11.71 21.43
C SER A 272 -1.63 12.46 20.52
N GLN A 273 -1.24 13.62 20.00
CA GLN A 273 -2.11 14.32 19.08
C GLN A 273 -2.23 13.55 17.77
N VAL A 274 -1.12 12.99 17.28
CA VAL A 274 -1.16 12.14 16.10
C VAL A 274 -2.03 10.91 16.34
N MET A 275 -2.00 10.40 17.57
CA MET A 275 -2.79 9.20 17.83
C MET A 275 -4.29 9.53 17.81
N ILE A 276 -4.66 10.71 18.34
CA ILE A 276 -6.06 11.12 18.37
C ILE A 276 -6.56 11.39 16.96
N ALA A 277 -5.72 12.00 16.11
CA ALA A 277 -6.07 12.18 14.70
C ALA A 277 -6.20 10.85 14.00
N SER A 278 -5.35 9.89 14.38
CA SER A 278 -5.48 8.55 13.82
C SER A 278 -6.77 7.90 14.30
N ALA A 279 -7.21 8.18 15.53
CA ALA A 279 -8.49 7.64 16.00
C ALA A 279 -9.60 8.10 15.07
N ARG A 280 -9.57 9.38 14.68
CA ARG A 280 -10.54 9.89 13.72
C ARG A 280 -10.48 9.10 12.42
N ALA A 281 -9.28 8.73 11.98
CA ALA A 281 -9.15 8.03 10.69
C ALA A 281 -9.66 6.60 10.81
N ALA A 282 -9.39 5.96 11.94
CA ALA A 282 -9.80 4.58 12.16
C ALA A 282 -11.30 4.39 11.87
N MET A 283 -12.12 5.32 12.31
CA MET A 283 -13.56 5.32 12.09
C MET A 283 -13.94 5.39 10.61
N ARG A 284 -12.96 5.49 9.70
CA ARG A 284 -13.25 5.69 8.30
C ARG A 284 -12.76 4.56 7.42
N GLN A 285 -11.89 3.69 7.94
CA GLN A 285 -11.29 2.64 7.15
C GLN A 285 -12.18 1.40 7.14
N LYS A 286 -11.96 0.55 6.14
CA LYS A 286 -12.44 -0.83 6.15
C LYS A 286 -11.61 -1.60 7.17
N PRO A 287 -12.11 -2.73 7.68
CA PRO A 287 -11.35 -3.49 8.70
C PRO A 287 -9.97 -3.87 8.21
N GLY A 288 -9.03 -3.98 9.16
CA GLY A 288 -7.63 -4.25 8.84
C GLY A 288 -6.66 -3.43 9.67
N ALA A 289 -5.36 -3.66 9.50
CA ALA A 289 -4.32 -2.94 10.20
C ALA A 289 -3.60 -1.99 9.23
N TYR A 290 -3.33 -0.76 9.67
CA TYR A 290 -2.73 0.24 8.79
C TYR A 290 -1.57 0.94 9.46
N THR A 291 -0.51 1.18 8.71
CA THR A 291 0.41 2.23 9.11
C THR A 291 -0.10 3.54 8.53
N MET A 292 0.53 4.64 8.93
CA MET A 292 0.02 5.94 8.51
C MET A 292 0.24 6.25 7.03
N ILE A 293 1.05 5.48 6.32
CA ILE A 293 1.21 5.77 4.91
C ILE A 293 0.19 4.99 4.09
N GLU A 294 -0.77 4.34 4.77
CA GLU A 294 -1.78 3.55 4.08
C GLU A 294 -3.16 4.17 4.17
N ILE A 295 -3.25 5.43 4.57
CA ILE A 295 -4.51 6.14 4.77
C ILE A 295 -4.45 7.50 4.06
N PRO A 296 -5.50 7.89 3.34
CA PRO A 296 -5.50 9.23 2.76
C PRO A 296 -5.37 10.26 3.88
N ILE A 297 -4.48 11.25 3.67
CA ILE A 297 -4.26 12.27 4.68
C ILE A 297 -5.58 12.92 5.09
N ILE A 298 -6.48 13.12 4.14
CA ILE A 298 -7.71 13.81 4.50
C ILE A 298 -8.53 13.06 5.56
N ASP A 299 -8.34 11.74 5.69
CA ASP A 299 -9.07 10.98 6.70
C ASP A 299 -8.68 11.40 8.12
N PHE A 300 -7.45 11.89 8.30
CA PHE A 300 -6.98 12.33 9.61
C PHE A 300 -7.54 13.69 10.02
N LEU A 301 -8.19 14.43 9.12
CA LEU A 301 -8.62 15.78 9.43
C LEU A 301 -10.10 15.86 9.73
N TYR A 302 -10.46 16.71 10.69
CA TYR A 302 -11.84 17.08 10.96
C TYR A 302 -12.30 18.13 9.95
N GLY A 303 -13.41 17.86 9.28
CA GLY A 303 -14.06 18.88 8.48
C GLY A 303 -14.73 18.27 7.26
N ASP A 304 -15.54 19.10 6.60
CA ASP A 304 -16.07 18.75 5.30
C ASP A 304 -14.93 18.54 4.28
N ARG A 305 -15.08 17.52 3.43
CA ARG A 305 -14.12 17.25 2.36
C ARG A 305 -13.82 18.48 1.50
N ASP A 306 -14.86 19.10 0.91
CA ASP A 306 -14.61 20.21 -0.02
C ASP A 306 -14.01 21.40 0.71
N GLU A 307 -14.49 21.66 1.91
CA GLU A 307 -13.95 22.75 2.71
C GLU A 307 -12.47 22.54 3.03
N LEU A 308 -12.02 21.29 3.17
CA LEU A 308 -10.63 21.02 3.52
C LEU A 308 -9.74 21.05 2.29
N ILE A 309 -10.26 20.58 1.16
CA ILE A 309 -9.56 20.74 -0.09
C ILE A 309 -9.34 22.21 -0.36
N ARG A 310 -10.38 23.02 -0.14
CA ARG A 310 -10.29 24.45 -0.40
C ARG A 310 -9.32 25.13 0.56
N ARG A 311 -9.27 24.69 1.80
CA ARG A 311 -8.36 25.35 2.72
C ARG A 311 -6.91 24.96 2.45
N LEU A 312 -6.67 23.76 1.98
CA LEU A 312 -5.36 23.16 2.08
C LEU A 312 -4.71 22.84 0.75
N VAL A 313 -5.48 22.50 -0.27
CA VAL A 313 -4.86 21.94 -1.47
C VAL A 313 -4.30 23.07 -2.31
N THR B 12 -35.44 -14.84 -8.06
CA THR B 12 -34.22 -15.48 -8.54
C THR B 12 -33.11 -14.45 -8.77
N GLU B 13 -31.87 -14.84 -8.44
CA GLU B 13 -30.68 -14.05 -8.72
C GLU B 13 -30.31 -14.17 -10.20
N ARG B 14 -29.52 -13.19 -10.68
CA ARG B 14 -28.95 -13.35 -12.01
C ARG B 14 -27.78 -14.34 -11.96
N PRO B 15 -27.50 -15.02 -13.07
CA PRO B 15 -26.34 -15.93 -13.09
C PRO B 15 -25.01 -15.20 -12.90
N ILE B 16 -24.05 -15.88 -12.30
CA ILE B 16 -22.69 -15.36 -12.23
C ILE B 16 -22.05 -15.50 -13.61
N ARG B 17 -21.54 -14.40 -14.14
CA ARG B 17 -20.91 -14.45 -15.45
C ARG B 17 -19.44 -14.78 -15.28
N VAL B 18 -19.02 -15.94 -15.80
CA VAL B 18 -17.66 -16.44 -15.65
C VAL B 18 -16.96 -16.41 -17.00
N ALA B 19 -15.68 -16.05 -16.96
CA ALA B 19 -14.82 -16.08 -18.14
C ALA B 19 -13.69 -17.07 -17.88
N ILE B 20 -13.35 -17.85 -18.89
CA ILE B 20 -12.24 -18.80 -18.78
C ILE B 20 -11.00 -18.16 -19.43
N ILE B 21 -9.94 -18.01 -18.64
CA ILE B 21 -8.69 -17.42 -19.09
C ILE B 21 -7.73 -18.55 -19.38
N GLY B 22 -7.47 -18.80 -20.66
CA GLY B 22 -6.50 -19.79 -21.06
C GLY B 22 -7.21 -21.08 -21.35
N TYR B 23 -7.29 -21.46 -22.62
CA TYR B 23 -8.05 -22.62 -23.04
C TYR B 23 -7.07 -23.75 -23.37
N GLY B 24 -6.56 -24.38 -22.32
CA GLY B 24 -5.77 -25.58 -22.49
C GLY B 24 -6.47 -26.78 -21.89
N ASN B 25 -5.68 -27.62 -21.24
CA ASN B 25 -6.18 -28.81 -20.58
C ASN B 25 -7.21 -28.48 -19.50
N ILE B 26 -6.80 -27.68 -18.51
CA ILE B 26 -7.74 -27.26 -17.47
C ILE B 26 -8.88 -26.46 -18.07
N GLY B 27 -8.56 -25.59 -19.05
CA GLY B 27 -9.56 -24.71 -19.63
C GLY B 27 -10.72 -25.47 -20.26
N GLN B 28 -10.41 -26.59 -20.91
CA GLN B 28 -11.46 -27.38 -21.57
C GLN B 28 -12.41 -27.98 -20.55
N TYR B 29 -11.87 -28.46 -19.43
CA TYR B 29 -12.76 -29.02 -18.41
C TYR B 29 -13.56 -27.93 -17.71
N ALA B 30 -12.91 -26.78 -17.44
CA ALA B 30 -13.62 -25.66 -16.81
C ALA B 30 -14.86 -25.27 -17.60
N LEU B 31 -14.77 -25.21 -18.92
CA LEU B 31 -15.94 -24.93 -19.74
C LEU B 31 -17.11 -25.85 -19.39
N GLN B 32 -16.85 -27.15 -19.27
CA GLN B 32 -17.94 -28.07 -18.94
C GLN B 32 -18.45 -27.81 -17.54
N ALA B 33 -17.55 -27.51 -16.60
CA ALA B 33 -17.99 -27.22 -15.24
C ALA B 33 -18.93 -26.01 -15.21
N VAL B 34 -18.52 -24.91 -15.85
CA VAL B 34 -19.34 -23.70 -15.90
C VAL B 34 -20.70 -24.00 -16.50
N GLU B 35 -20.72 -24.72 -17.62
CA GLU B 35 -21.98 -25.08 -18.25
C GLU B 35 -22.90 -25.81 -17.29
N GLU B 36 -22.37 -26.79 -16.56
CA GLU B 36 -23.20 -27.57 -15.65
C GLU B 36 -23.65 -26.76 -14.45
N ALA B 37 -22.81 -25.82 -14.00
CA ALA B 37 -23.11 -25.04 -12.81
C ALA B 37 -24.43 -24.29 -13.00
N PRO B 38 -25.45 -24.58 -12.20
CA PRO B 38 -26.77 -23.97 -12.44
C PRO B 38 -26.80 -22.50 -12.18
N ASP B 39 -25.85 -21.95 -11.43
CA ASP B 39 -25.86 -20.57 -11.03
C ASP B 39 -24.87 -19.72 -11.82
N MET B 40 -24.37 -20.23 -12.93
CA MET B 40 -23.25 -19.60 -13.59
C MET B 40 -23.45 -19.69 -15.08
N GLU B 41 -22.77 -18.80 -15.79
CA GLU B 41 -23.02 -18.55 -17.20
C GLU B 41 -21.69 -18.22 -17.84
N LEU B 42 -21.45 -18.73 -19.03
CA LEU B 42 -20.16 -18.52 -19.68
C LEU B 42 -20.17 -17.19 -20.41
N ALA B 43 -19.29 -16.29 -20.00
CA ALA B 43 -19.17 -15.03 -20.72
C ALA B 43 -18.31 -15.20 -21.97
N GLY B 44 -17.34 -16.10 -21.94
CA GLY B 44 -16.45 -16.30 -23.07
C GLY B 44 -15.16 -16.94 -22.62
N VAL B 45 -14.26 -17.13 -23.60
CA VAL B 45 -12.94 -17.68 -23.37
C VAL B 45 -11.91 -16.67 -23.86
N VAL B 46 -10.84 -16.49 -23.10
CA VAL B 46 -9.81 -15.49 -23.41
C VAL B 46 -8.51 -16.23 -23.72
N ARG B 47 -7.98 -16.04 -24.94
CA ARG B 47 -6.75 -16.70 -25.34
C ARG B 47 -5.72 -15.69 -25.80
N ARG B 48 -4.46 -16.12 -25.84
CA ARG B 48 -3.42 -15.36 -26.52
C ARG B 48 -3.87 -15.09 -27.96
N GLN B 49 -3.58 -13.89 -28.47
CA GLN B 49 -3.94 -13.57 -29.84
C GLN B 49 -3.35 -14.60 -30.81
N SER B 50 -2.14 -15.10 -30.52
CA SER B 50 -1.53 -16.09 -31.39
C SER B 50 -2.43 -17.31 -31.54
N SER B 51 -3.19 -17.65 -30.49
CA SER B 51 -4.08 -18.80 -30.52
C SER B 51 -5.38 -18.52 -31.25
N LEU B 52 -5.81 -17.26 -31.33
CA LEU B 52 -7.04 -16.96 -32.05
C LEU B 52 -6.92 -17.22 -33.54
N GLU B 53 -5.69 -17.15 -34.07
CA GLU B 53 -5.46 -17.39 -35.50
C GLU B 53 -5.62 -18.86 -35.86
N LYS B 54 -5.46 -19.76 -34.90
CA LYS B 54 -5.68 -21.18 -35.11
C LYS B 54 -7.18 -21.45 -35.32
N PRO B 55 -7.55 -22.64 -35.81
CA PRO B 55 -8.96 -22.91 -36.08
C PRO B 55 -9.77 -23.11 -34.81
N LEU B 56 -11.05 -22.77 -34.90
CA LEU B 56 -11.92 -22.81 -33.70
C LEU B 56 -12.25 -24.24 -33.31
N PRO B 57 -12.05 -24.63 -32.04
CA PRO B 57 -12.47 -25.94 -31.59
C PRO B 57 -13.97 -26.04 -31.76
N ARG B 58 -14.46 -27.23 -32.08
CA ARG B 58 -15.92 -27.41 -32.33
C ARG B 58 -16.69 -27.01 -31.06
N GLU B 59 -16.14 -27.32 -29.90
CA GLU B 59 -16.84 -27.04 -28.62
C GLU B 59 -16.97 -25.53 -28.42
N LEU B 60 -16.18 -24.76 -29.14
CA LEU B 60 -16.18 -23.29 -28.94
C LEU B 60 -17.11 -22.63 -29.96
N HIS B 61 -17.74 -23.41 -30.84
CA HIS B 61 -18.70 -22.81 -31.76
C HIS B 61 -19.84 -22.16 -30.97
N GLY B 62 -20.06 -20.87 -31.24
CA GLY B 62 -21.04 -20.11 -30.51
C GLY B 62 -20.53 -19.49 -29.22
N VAL B 63 -19.23 -19.58 -28.94
CA VAL B 63 -18.66 -19.03 -27.72
C VAL B 63 -17.81 -17.83 -28.08
N SER B 64 -17.98 -16.73 -27.35
CA SER B 64 -17.16 -15.56 -27.59
C SER B 64 -15.74 -15.89 -27.15
N VAL B 65 -14.89 -16.16 -28.12
CA VAL B 65 -13.48 -16.39 -27.89
C VAL B 65 -12.75 -15.11 -28.27
N VAL B 66 -11.90 -14.63 -27.39
CA VAL B 66 -11.45 -13.26 -27.51
C VAL B 66 -10.09 -13.13 -26.85
N SER B 67 -9.43 -12.00 -27.08
CA SER B 67 -8.08 -11.78 -26.56
C SER B 67 -8.09 -10.99 -25.27
N ASP B 68 -9.23 -10.42 -24.88
CA ASP B 68 -9.28 -9.58 -23.69
C ASP B 68 -10.68 -9.58 -23.10
N VAL B 69 -10.73 -9.72 -21.78
CA VAL B 69 -11.99 -9.94 -21.06
C VAL B 69 -12.94 -8.76 -21.26
N SER B 70 -12.39 -7.59 -21.61
CA SER B 70 -13.21 -6.39 -21.83
C SER B 70 -14.22 -6.58 -22.95
N ALA B 71 -14.02 -7.56 -23.83
CA ALA B 71 -14.93 -7.84 -24.93
C ALA B 71 -16.01 -8.84 -24.58
N LEU B 72 -16.06 -9.31 -23.33
CA LEU B 72 -17.03 -10.32 -22.93
C LEU B 72 -18.22 -9.69 -22.21
N GLY B 73 -18.32 -8.37 -22.23
CA GLY B 73 -19.36 -7.72 -21.48
C GLY B 73 -19.08 -7.83 -19.99
N GLN B 74 -20.17 -7.90 -19.22
CA GLN B 74 -20.07 -8.10 -17.78
C GLN B 74 -19.37 -9.42 -17.46
N VAL B 75 -18.36 -9.35 -16.60
CA VAL B 75 -17.62 -10.53 -16.17
C VAL B 75 -17.46 -10.42 -14.67
N ASP B 76 -18.19 -11.26 -13.91
CA ASP B 76 -18.05 -11.24 -12.46
C ASP B 76 -16.79 -11.96 -11.99
N VAL B 77 -16.44 -13.11 -12.58
CA VAL B 77 -15.32 -13.93 -12.12
C VAL B 77 -14.56 -14.45 -13.32
N ALA B 78 -13.24 -14.51 -13.19
CA ALA B 78 -12.37 -15.07 -14.21
C ALA B 78 -11.66 -16.28 -13.60
N VAL B 79 -11.75 -17.41 -14.29
CA VAL B 79 -11.11 -18.64 -13.85
C VAL B 79 -9.83 -18.78 -14.68
N LEU B 80 -8.69 -18.70 -14.01
CA LEU B 80 -7.40 -18.73 -14.68
C LEU B 80 -6.96 -20.18 -14.85
N CYS B 81 -6.84 -20.62 -16.10
CA CYS B 81 -6.32 -21.94 -16.45
C CYS B 81 -5.01 -21.83 -17.22
N THR B 82 -4.24 -20.81 -16.92
CA THR B 82 -2.96 -20.37 -17.43
C THR B 82 -1.80 -21.04 -16.69
N PRO B 83 -0.65 -21.20 -17.33
CA PRO B 83 0.50 -21.85 -16.65
C PRO B 83 0.88 -21.13 -15.36
N THR B 84 1.43 -21.90 -14.42
CA THR B 84 1.70 -21.41 -13.07
C THR B 84 2.41 -20.06 -13.08
N ARG B 85 3.60 -19.99 -13.71
CA ARG B 85 4.45 -18.81 -13.60
C ARG B 85 3.74 -17.56 -14.10
N GLU B 86 2.85 -17.71 -15.07
CA GLU B 86 2.16 -16.57 -15.67
C GLU B 86 0.95 -16.14 -14.88
N THR B 87 0.50 -16.95 -13.92
CA THR B 87 -0.84 -16.78 -13.41
C THR B 87 -0.94 -15.64 -12.40
N PRO B 88 0.03 -15.46 -11.48
CA PRO B 88 -0.08 -14.29 -10.59
C PRO B 88 -0.21 -12.95 -11.33
N ALA B 89 0.58 -12.73 -12.39
CA ALA B 89 0.51 -11.44 -13.09
C ALA B 89 -0.82 -11.27 -13.82
N ILE B 90 -1.35 -12.35 -14.39
CA ILE B 90 -2.67 -12.31 -15.02
C ILE B 90 -3.76 -12.04 -13.98
N ALA B 91 -3.63 -12.67 -12.81
CA ALA B 91 -4.59 -12.43 -11.72
C ALA B 91 -4.61 -10.95 -11.33
N LYS B 92 -3.44 -10.41 -10.97
CA LYS B 92 -3.37 -9.01 -10.55
C LYS B 92 -4.00 -8.09 -11.59
N GLU B 93 -3.76 -8.37 -12.88
CA GLU B 93 -4.36 -7.53 -13.91
C GLU B 93 -5.88 -7.55 -13.86
N LEU B 94 -6.46 -8.74 -13.63
CA LEU B 94 -7.93 -8.84 -13.62
C LEU B 94 -8.52 -8.29 -12.31
N LEU B 95 -7.85 -8.55 -11.18
CA LEU B 95 -8.33 -7.99 -9.92
C LEU B 95 -8.35 -6.47 -9.99
N ALA B 96 -7.32 -5.87 -10.61
CA ALA B 96 -7.22 -4.42 -10.72
C ALA B 96 -8.43 -3.80 -11.39
N ARG B 97 -9.16 -4.55 -12.20
CA ARG B 97 -10.43 -4.09 -12.77
C ARG B 97 -11.64 -4.47 -11.92
N GLY B 98 -11.44 -5.05 -10.75
CA GLY B 98 -12.58 -5.42 -9.94
C GLY B 98 -13.30 -6.69 -10.36
N ILE B 99 -12.66 -7.54 -11.14
CA ILE B 99 -13.14 -8.88 -11.46
C ILE B 99 -12.48 -9.85 -10.49
N HIS B 100 -13.27 -10.75 -9.91
CA HIS B 100 -12.73 -11.76 -9.04
C HIS B 100 -11.97 -12.82 -9.84
N THR B 101 -11.01 -13.49 -9.19
CA THR B 101 -10.17 -14.43 -9.90
C THR B 101 -10.06 -15.73 -9.10
N ILE B 102 -10.03 -16.84 -9.83
CA ILE B 102 -9.80 -18.18 -9.29
C ILE B 102 -8.57 -18.75 -9.97
N ASP B 103 -7.66 -19.30 -9.19
CA ASP B 103 -6.57 -20.04 -9.78
C ASP B 103 -6.30 -21.29 -8.94
N SER B 104 -5.53 -22.19 -9.53
CA SER B 104 -5.02 -23.34 -8.79
C SER B 104 -3.50 -23.41 -8.92
N PHE B 105 -2.86 -22.23 -9.01
CA PHE B 105 -1.45 -22.03 -8.72
C PHE B 105 -0.90 -23.08 -7.77
N ASP B 106 0.18 -23.77 -8.15
CA ASP B 106 0.58 -24.98 -7.44
C ASP B 106 2.06 -25.02 -7.03
N ILE B 107 2.69 -23.87 -6.82
CA ILE B 107 4.04 -23.82 -6.25
C ILE B 107 3.84 -23.62 -4.74
N HIS B 108 3.90 -24.71 -3.97
CA HIS B 108 3.52 -24.65 -2.56
C HIS B 108 4.32 -23.57 -1.81
N GLN B 109 5.64 -23.62 -1.93
CA GLN B 109 6.56 -22.71 -1.25
C GLN B 109 6.28 -21.24 -1.55
N GLU B 110 5.43 -20.93 -2.54
CA GLU B 110 5.20 -19.56 -2.98
C GLU B 110 3.80 -19.02 -2.63
N ILE B 111 2.94 -19.82 -2.00
CA ILE B 111 1.54 -19.44 -1.87
C ILE B 111 1.39 -18.29 -0.88
N VAL B 112 2.06 -18.38 0.27
CA VAL B 112 2.01 -17.28 1.21
C VAL B 112 2.37 -15.97 0.52
N GLN B 113 3.42 -16.00 -0.32
CA GLN B 113 3.85 -14.77 -0.99
C GLN B 113 2.83 -14.31 -2.02
N VAL B 114 2.42 -15.21 -2.93
CA VAL B 114 1.42 -14.84 -3.92
C VAL B 114 0.18 -14.30 -3.24
N ARG B 115 -0.25 -14.98 -2.17
CA ARG B 115 -1.44 -14.58 -1.43
C ARG B 115 -1.32 -13.14 -0.95
N HIS B 116 -0.18 -12.76 -0.36
CA HIS B 116 -0.02 -11.36 0.05
C HIS B 116 -0.11 -10.41 -1.15
N GLU B 117 0.59 -10.73 -2.24
CA GLU B 117 0.50 -9.89 -3.43
C GLU B 117 -0.93 -9.79 -3.94
N LEU B 118 -1.55 -10.92 -4.25
CA LEU B 118 -2.95 -10.90 -4.70
C LEU B 118 -3.87 -10.18 -3.71
N ASP B 119 -3.59 -10.28 -2.41
CA ASP B 119 -4.44 -9.64 -1.41
C ASP B 119 -4.43 -8.12 -1.58
N GLU B 120 -3.26 -7.52 -1.86
CA GLU B 120 -3.14 -6.07 -1.92
C GLU B 120 -4.03 -5.50 -3.03
N VAL B 121 -3.97 -6.11 -4.22
CA VAL B 121 -4.77 -5.62 -5.33
C VAL B 121 -6.25 -5.84 -5.08
N ALA B 122 -6.61 -7.05 -4.62
CA ALA B 122 -8.01 -7.39 -4.35
C ALA B 122 -8.69 -6.33 -3.48
N ARG B 123 -8.01 -5.92 -2.41
CA ARG B 123 -8.61 -4.97 -1.47
C ARG B 123 -8.71 -3.57 -2.05
N ALA B 124 -7.88 -3.24 -3.05
CA ALA B 124 -7.95 -1.93 -3.69
C ALA B 124 -9.15 -1.79 -4.60
N HIS B 125 -9.65 -2.90 -5.16
CA HIS B 125 -10.65 -2.79 -6.21
C HIS B 125 -11.91 -3.59 -5.89
N GLN B 126 -12.13 -3.88 -4.59
CA GLN B 126 -13.31 -4.58 -4.14
C GLN B 126 -13.48 -5.89 -4.90
N ALA B 127 -12.41 -6.68 -4.91
CA ALA B 127 -12.32 -7.92 -5.68
C ALA B 127 -11.85 -9.04 -4.76
N VAL B 128 -12.23 -10.28 -5.11
CA VAL B 128 -11.83 -11.45 -4.34
C VAL B 128 -10.91 -12.29 -5.22
N ALA B 129 -9.78 -12.70 -4.67
CA ALA B 129 -8.98 -13.76 -5.28
C ALA B 129 -9.07 -14.98 -4.39
N ILE B 130 -9.38 -16.13 -4.99
CA ILE B 130 -9.17 -17.42 -4.35
C ILE B 130 -8.06 -18.11 -5.14
N LEU B 131 -6.91 -18.30 -4.50
CA LEU B 131 -5.76 -18.91 -5.14
C LEU B 131 -5.52 -20.33 -4.65
N ALA B 132 -4.73 -21.07 -5.44
CA ALA B 132 -4.26 -22.42 -5.08
C ALA B 132 -5.43 -23.37 -4.86
N ALA B 133 -6.46 -23.19 -5.68
CA ALA B 133 -7.76 -23.81 -5.48
C ALA B 133 -7.92 -24.99 -6.45
N GLY B 134 -7.13 -26.04 -6.25
CA GLY B 134 -7.19 -27.18 -7.14
C GLY B 134 -7.42 -28.46 -6.36
N THR B 135 -6.60 -29.48 -6.63
CA THR B 135 -6.73 -30.71 -5.87
C THR B 135 -5.64 -30.80 -4.81
N ASP B 136 -4.34 -30.82 -5.17
CA ASP B 136 -3.53 -30.93 -3.95
C ASP B 136 -3.36 -29.54 -3.36
N PRO B 137 -2.82 -28.56 -4.06
CA PRO B 137 -3.15 -27.20 -3.64
C PRO B 137 -4.66 -27.11 -3.81
N GLY B 138 -5.42 -27.20 -2.73
CA GLY B 138 -6.86 -27.13 -2.88
C GLY B 138 -7.58 -28.03 -1.91
N THR B 139 -8.37 -28.97 -2.42
CA THR B 139 -9.23 -29.72 -1.50
C THR B 139 -8.43 -30.70 -0.66
N CYS B 140 -7.29 -31.20 -1.14
CA CYS B 140 -6.45 -32.02 -0.29
C CYS B 140 -5.96 -31.20 0.90
N SER B 141 -5.63 -29.92 0.66
CA SER B 141 -5.27 -28.99 1.75
C SER B 141 -6.37 -28.90 2.80
N MET B 142 -7.62 -28.73 2.36
CA MET B 142 -8.74 -28.69 3.30
C MET B 142 -8.80 -29.96 4.15
N ILE B 143 -8.67 -31.13 3.49
CA ILE B 143 -8.75 -32.42 4.17
C ILE B 143 -7.59 -32.61 5.15
N ARG B 144 -6.36 -32.39 4.68
CA ARG B 144 -5.20 -32.35 5.57
C ARG B 144 -5.47 -31.51 6.80
N SER B 145 -6.08 -30.35 6.62
CA SER B 145 -6.24 -29.45 7.76
C SER B 145 -7.29 -29.96 8.73
N ILE B 146 -8.39 -30.54 8.23
CA ILE B 146 -9.35 -31.13 9.15
C ILE B 146 -8.71 -32.24 9.98
N LEU B 147 -7.89 -33.09 9.35
CA LEU B 147 -7.21 -34.14 10.10
C LEU B 147 -6.35 -33.57 11.22
N GLU B 148 -5.56 -32.53 10.92
CA GLU B 148 -4.65 -31.96 11.92
C GLU B 148 -5.37 -31.49 13.18
N PHE B 149 -6.51 -30.77 13.05
CA PHE B 149 -7.13 -30.33 14.28
C PHE B 149 -7.91 -31.45 14.95
N MET B 150 -8.30 -32.45 14.17
CA MET B 150 -8.99 -33.61 14.70
C MET B 150 -8.04 -34.48 15.55
N ALA B 151 -6.75 -34.45 15.23
CA ALA B 151 -5.75 -35.22 15.97
C ALA B 151 -4.42 -34.49 15.94
N PRO B 152 -4.22 -33.50 16.82
CA PRO B 152 -3.06 -32.60 16.67
C PRO B 152 -1.70 -33.27 16.81
N TYR B 153 -1.59 -34.38 17.52
CA TYR B 153 -0.30 -35.04 17.62
C TYR B 153 -0.25 -36.18 16.62
N GLY B 154 0.83 -36.29 15.86
CA GLY B 154 0.94 -37.43 14.97
C GLY B 154 1.51 -37.03 13.64
N ILE B 155 1.31 -37.87 12.62
CA ILE B 155 1.90 -37.65 11.31
C ILE B 155 0.87 -37.95 10.23
N THR B 156 0.91 -37.18 9.17
CA THR B 156 0.06 -37.38 8.01
C THR B 156 0.93 -37.69 6.81
N TYR B 157 0.56 -38.72 6.08
CA TYR B 157 1.25 -39.06 4.85
C TYR B 157 0.27 -38.85 3.70
N THR B 158 0.70 -38.10 2.70
CA THR B 158 -0.03 -37.94 1.45
C THR B 158 0.69 -38.77 0.41
N ASN B 159 0.02 -39.81 -0.07
CA ASN B 159 0.61 -40.76 -1.01
C ASN B 159 -0.07 -40.59 -2.35
N VAL B 160 0.63 -39.99 -3.30
CA VAL B 160 0.00 -39.54 -4.53
C VAL B 160 0.14 -40.67 -5.56
N GLY B 161 -0.90 -41.49 -5.63
CA GLY B 161 -0.91 -42.75 -6.37
C GLY B 161 -0.53 -42.56 -7.81
N PRO B 162 -0.22 -43.70 -8.50
CA PRO B 162 0.33 -43.65 -9.86
C PRO B 162 -0.38 -42.59 -10.71
N GLY B 163 0.41 -41.77 -11.38
CA GLY B 163 -0.19 -40.62 -11.98
C GLY B 163 0.83 -39.63 -12.49
N MET B 164 0.56 -39.16 -13.71
CA MET B 164 1.46 -38.29 -14.43
C MET B 164 1.85 -37.06 -13.60
N SER B 165 3.12 -36.71 -13.64
CA SER B 165 3.58 -35.49 -13.01
C SER B 165 3.30 -34.33 -13.97
N MET B 166 3.87 -33.15 -13.73
CA MET B 166 3.87 -32.11 -14.75
C MET B 166 5.23 -31.45 -14.82
N GLY B 167 5.77 -31.03 -13.67
CA GLY B 167 7.09 -30.45 -13.66
C GLY B 167 8.18 -31.46 -13.99
N HIS B 168 8.09 -32.65 -13.40
CA HIS B 168 9.07 -33.70 -13.69
C HIS B 168 8.99 -34.12 -15.15
N SER B 169 7.78 -34.31 -15.67
CA SER B 169 7.61 -34.68 -17.09
C SER B 169 8.30 -33.67 -18.00
N VAL B 170 7.98 -32.38 -17.81
CA VAL B 170 8.59 -31.34 -18.63
C VAL B 170 10.08 -31.20 -18.32
N ALA B 171 10.50 -31.50 -17.09
CA ALA B 171 11.92 -31.49 -16.76
C ALA B 171 12.71 -32.42 -17.67
N VAL B 172 12.31 -33.70 -17.71
CA VAL B 172 13.01 -34.67 -18.54
C VAL B 172 12.76 -34.40 -20.02
N LYS B 173 11.59 -33.83 -20.34
CA LYS B 173 11.24 -33.57 -21.73
C LYS B 173 12.30 -32.70 -22.42
N ALA B 174 12.98 -31.85 -21.67
CA ALA B 174 14.13 -31.13 -22.20
C ALA B 174 15.37 -32.03 -22.27
N ILE B 175 16.41 -31.70 -21.49
CA ILE B 175 17.71 -32.37 -21.48
C ILE B 175 18.13 -32.89 -22.84
N GLU B 176 18.71 -34.09 -22.88
CA GLU B 176 19.43 -34.57 -24.06
C GLU B 176 18.50 -35.07 -25.16
N GLY B 177 18.94 -36.13 -25.86
CA GLY B 177 18.17 -36.66 -27.00
C GLY B 177 16.78 -37.12 -26.61
N VAL B 178 16.11 -36.35 -25.75
CA VAL B 178 14.72 -36.69 -25.34
C VAL B 178 13.77 -36.26 -26.46
N LYS B 179 13.57 -37.12 -27.45
CA LYS B 179 12.58 -36.80 -28.50
C LYS B 179 11.27 -36.51 -27.75
N ASP B 180 10.87 -37.44 -26.89
CA ASP B 180 9.68 -37.22 -26.02
C ASP B 180 9.87 -38.07 -24.77
N ALA B 181 9.24 -37.67 -23.68
CA ALA B 181 9.35 -38.43 -22.43
C ALA B 181 8.12 -38.19 -21.57
N LEU B 182 7.87 -39.17 -20.70
CA LEU B 182 6.81 -39.12 -19.71
C LEU B 182 7.43 -39.47 -18.37
N ALA B 183 7.19 -38.63 -17.37
CA ALA B 183 7.75 -38.82 -16.04
C ALA B 183 6.62 -39.00 -15.04
N LEU B 184 6.66 -40.08 -14.28
CA LEU B 184 5.61 -40.43 -13.35
C LEU B 184 6.13 -40.36 -11.92
N THR B 185 5.24 -39.97 -11.02
CA THR B 185 5.45 -40.13 -9.59
C THR B 185 4.65 -41.35 -9.15
N ILE B 186 5.31 -42.27 -8.45
CA ILE B 186 4.69 -43.49 -7.95
C ILE B 186 4.82 -43.47 -6.43
N PRO B 187 3.76 -43.78 -5.68
CA PRO B 187 3.91 -43.83 -4.21
C PRO B 187 4.53 -45.13 -3.76
N ILE B 188 5.46 -45.02 -2.83
CA ILE B 188 6.07 -46.20 -2.22
C ILE B 188 5.83 -46.23 -0.71
N GLY B 189 4.90 -45.42 -0.22
CA GLY B 189 4.53 -45.47 1.17
C GLY B 189 5.08 -44.29 1.96
N THR B 190 4.44 -44.03 3.09
CA THR B 190 4.82 -43.02 4.08
C THR B 190 5.36 -41.74 3.46
N GLY B 191 4.66 -41.23 2.45
CA GLY B 191 4.99 -39.97 1.87
C GLY B 191 6.09 -40.00 0.84
N LEU B 192 6.77 -41.13 0.65
CA LEU B 192 7.87 -41.17 -0.29
C LEU B 192 7.41 -41.68 -1.66
N HIS B 193 8.19 -41.37 -2.69
CA HIS B 193 7.80 -41.70 -4.05
C HIS B 193 9.02 -42.14 -4.86
N ARG B 194 8.78 -43.00 -5.85
CA ARG B 194 9.77 -43.36 -6.85
C ARG B 194 9.37 -42.74 -8.18
N ARG B 195 10.36 -42.42 -9.01
CA ARG B 195 10.15 -41.78 -10.30
C ARG B 195 10.30 -42.79 -11.43
N MET B 196 9.32 -42.83 -12.32
CA MET B 196 9.35 -43.75 -13.45
C MET B 196 9.45 -42.93 -14.72
N VAL B 197 10.51 -43.14 -15.50
CA VAL B 197 10.77 -42.36 -16.70
C VAL B 197 10.70 -43.27 -17.91
N TYR B 198 9.77 -42.96 -18.81
CA TYR B 198 9.68 -43.57 -20.12
C TYR B 198 10.14 -42.54 -21.13
N VAL B 199 10.99 -42.96 -22.05
CA VAL B 199 11.64 -42.05 -22.99
C VAL B 199 11.50 -42.57 -24.40
N GLU B 200 11.40 -41.64 -25.35
CA GLU B 200 11.35 -41.99 -26.77
C GLU B 200 12.74 -42.07 -27.38
N GLU B 212 20.65 -43.97 -22.47
CA GLU B 212 21.91 -43.68 -21.82
C GLU B 212 21.74 -43.33 -20.33
N ARG B 213 22.86 -43.38 -19.60
CA ARG B 213 22.84 -43.37 -18.14
C ARG B 213 22.33 -42.07 -17.55
N ILE B 214 22.45 -40.96 -18.26
CA ILE B 214 22.10 -39.66 -17.71
C ILE B 214 20.68 -39.70 -17.16
N LEU B 215 20.57 -39.36 -15.88
CA LEU B 215 19.28 -39.29 -15.18
C LEU B 215 19.33 -38.22 -14.09
N GLN B 216 20.36 -37.37 -14.06
CA GLN B 216 20.64 -36.51 -12.92
C GLN B 216 20.02 -35.14 -13.12
N ASP B 217 19.47 -34.59 -12.03
CA ASP B 217 18.83 -33.29 -12.06
C ASP B 217 18.49 -32.82 -10.65
N ASP B 223 16.41 -39.04 -5.91
CA ASP B 223 15.30 -39.95 -5.60
C ASP B 223 15.42 -41.26 -6.36
N GLU B 224 14.79 -42.32 -5.81
CA GLU B 224 14.75 -43.60 -6.51
C GLU B 224 14.09 -43.42 -7.87
N THR B 225 14.82 -43.75 -8.92
CA THR B 225 14.36 -43.48 -10.28
C THR B 225 14.62 -44.69 -11.15
N HIS B 226 13.71 -44.93 -12.08
CA HIS B 226 13.82 -46.01 -13.04
C HIS B 226 13.60 -45.40 -14.41
N VAL B 227 14.32 -45.90 -15.42
CA VAL B 227 14.22 -45.37 -16.77
C VAL B 227 14.00 -46.53 -17.74
N LEU B 228 13.03 -46.39 -18.63
CA LEU B 228 12.70 -47.38 -19.63
C LEU B 228 12.52 -46.65 -20.96
N GLN B 229 12.90 -47.31 -22.07
CA GLN B 229 12.68 -46.73 -23.39
C GLN B 229 11.44 -47.35 -24.00
N VAL B 230 10.67 -46.51 -24.68
CA VAL B 230 9.40 -46.91 -25.29
C VAL B 230 9.36 -46.28 -26.67
N ASP B 231 8.53 -46.87 -27.54
CA ASP B 231 8.43 -46.35 -28.90
C ASP B 231 7.56 -45.10 -28.95
N ASP B 232 6.46 -45.09 -28.18
CA ASP B 232 5.49 -43.99 -28.22
C ASP B 232 5.10 -43.59 -26.80
N VAL B 233 5.64 -42.46 -26.34
CA VAL B 233 5.33 -42.01 -24.98
C VAL B 233 3.87 -41.57 -24.87
N LYS B 234 3.27 -41.03 -25.94
CA LYS B 234 1.88 -40.62 -25.90
C LYS B 234 0.93 -41.78 -25.59
N GLN B 235 1.28 -43.02 -25.96
CA GLN B 235 0.41 -44.15 -25.69
C GLN B 235 0.25 -44.45 -24.21
N LEU B 236 1.10 -43.89 -23.36
CA LEU B 236 1.07 -44.17 -21.95
C LEU B 236 0.25 -43.14 -21.17
N ILE B 237 -0.27 -42.12 -21.82
CA ILE B 237 -0.84 -40.97 -21.10
C ILE B 237 -2.25 -41.31 -20.63
N ASP B 238 -2.49 -41.11 -19.33
CA ASP B 238 -3.83 -41.11 -18.76
C ASP B 238 -3.84 -40.05 -17.67
N ARG B 239 -4.91 -39.27 -17.64
CA ARG B 239 -4.95 -38.05 -16.84
C ARG B 239 -5.72 -38.29 -15.53
N GLY B 240 -5.90 -39.57 -15.13
CA GLY B 240 -6.43 -39.87 -13.82
C GLY B 240 -5.35 -40.12 -12.79
N ILE B 241 -5.72 -40.02 -11.52
CA ILE B 241 -4.74 -40.12 -10.44
C ILE B 241 -5.44 -40.59 -9.18
N GLY B 242 -4.70 -41.31 -8.34
CA GLY B 242 -5.19 -41.74 -7.04
C GLY B 242 -4.47 -40.94 -5.99
N VAL B 243 -5.13 -40.68 -4.86
CA VAL B 243 -4.48 -40.00 -3.76
C VAL B 243 -4.85 -40.72 -2.48
N ARG B 244 -3.85 -41.05 -1.68
CA ARG B 244 -4.11 -41.67 -0.38
C ARG B 244 -3.52 -40.81 0.73
N MET B 245 -4.41 -40.29 1.56
CA MET B 245 -4.09 -39.50 2.74
C MET B 245 -4.38 -40.35 3.97
N GLU B 246 -3.40 -40.49 4.87
CA GLU B 246 -3.62 -41.28 6.07
C GLU B 246 -2.99 -40.58 7.28
N ARG B 247 -3.65 -40.70 8.43
CA ARG B 247 -3.09 -40.08 9.63
C ARG B 247 -3.39 -40.98 10.82
N LYS B 248 -2.38 -41.22 11.63
CA LYS B 248 -2.56 -41.82 12.94
C LYS B 248 -2.05 -40.81 13.95
N GLY B 249 -2.89 -40.44 14.88
CA GLY B 249 -2.47 -39.51 15.89
C GLY B 249 -3.40 -39.47 17.07
N VAL B 250 -3.24 -38.41 17.88
CA VAL B 250 -3.85 -38.30 19.20
C VAL B 250 -4.99 -37.29 19.15
N SER B 251 -6.13 -37.66 19.73
CA SER B 251 -7.22 -36.74 20.03
C SER B 251 -7.20 -36.48 21.53
N GLY B 252 -6.89 -35.23 21.92
CA GLY B 252 -6.75 -34.92 23.34
C GLY B 252 -5.54 -35.62 23.89
N GLN B 253 -5.75 -36.66 24.69
CA GLN B 253 -4.67 -37.56 25.12
C GLN B 253 -4.89 -38.99 24.65
N THR B 254 -5.93 -39.25 23.88
CA THR B 254 -6.28 -40.60 23.45
C THR B 254 -5.55 -40.92 22.15
N GLN B 255 -4.66 -41.92 22.20
CA GLN B 255 -3.81 -42.39 21.12
C GLN B 255 -4.57 -43.23 20.10
N ASN B 256 -3.90 -43.42 18.94
CA ASN B 256 -4.26 -44.47 17.97
C ASN B 256 -5.58 -44.17 17.29
N GLN B 257 -5.81 -42.90 16.96
CA GLN B 257 -6.93 -42.49 16.13
C GLN B 257 -6.51 -42.56 14.66
N LEU B 258 -7.32 -43.23 13.84
CA LEU B 258 -6.93 -43.60 12.49
C LEU B 258 -7.85 -42.93 11.47
N PHE B 259 -7.25 -42.30 10.46
CA PHE B 259 -7.98 -41.56 9.44
C PHE B 259 -7.41 -41.86 8.06
N THR B 260 -8.27 -42.28 7.14
CA THR B 260 -7.90 -42.50 5.75
C THR B 260 -8.81 -41.71 4.82
N TYR B 261 -8.18 -41.08 3.82
CA TYR B 261 -8.86 -40.33 2.79
C TYR B 261 -8.31 -40.75 1.43
N GLU B 262 -9.20 -41.13 0.51
CA GLU B 262 -8.76 -41.66 -0.78
C GLU B 262 -9.59 -41.09 -1.92
N MET B 263 -8.94 -40.78 -3.04
CA MET B 263 -9.69 -40.47 -4.25
C MET B 263 -9.01 -41.05 -5.48
N ARG B 264 -9.84 -41.46 -6.43
CA ARG B 264 -9.41 -42.00 -7.71
C ARG B 264 -10.19 -41.20 -8.76
N ILE B 265 -9.54 -40.23 -9.40
CA ILE B 265 -10.29 -39.22 -10.14
C ILE B 265 -9.55 -38.81 -11.39
N ASN B 266 -10.32 -38.21 -12.30
CA ASN B 266 -9.78 -37.42 -13.41
C ASN B 266 -9.25 -36.10 -12.86
N ASN B 267 -7.94 -35.92 -12.86
CA ASN B 267 -7.36 -34.77 -12.19
C ASN B 267 -7.82 -33.41 -12.75
N PRO B 268 -7.75 -33.14 -14.05
CA PRO B 268 -8.22 -31.80 -14.51
C PRO B 268 -9.72 -31.61 -14.35
N ALA B 269 -10.49 -32.68 -14.50
CA ALA B 269 -11.92 -32.58 -14.26
C ALA B 269 -12.20 -32.17 -12.82
N LEU B 270 -11.47 -32.74 -11.85
CA LEU B 270 -11.69 -32.36 -10.47
C LEU B 270 -11.16 -30.95 -10.20
N THR B 271 -10.01 -30.62 -10.77
CA THR B 271 -9.41 -29.32 -10.53
C THR B 271 -10.28 -28.20 -11.08
N SER B 272 -10.79 -28.36 -12.29
CA SER B 272 -11.65 -27.32 -12.86
C SER B 272 -12.99 -27.27 -12.12
N GLN B 273 -13.46 -28.41 -11.60
CA GLN B 273 -14.69 -28.36 -10.82
C GLN B 273 -14.49 -27.57 -9.54
N VAL B 274 -13.33 -27.74 -8.90
CA VAL B 274 -13.08 -27.07 -7.66
C VAL B 274 -12.92 -25.58 -7.89
N MET B 275 -12.30 -25.19 -9.00
CA MET B 275 -12.24 -23.77 -9.31
C MET B 275 -13.63 -23.19 -9.55
N ILE B 276 -14.49 -23.89 -10.29
CA ILE B 276 -15.84 -23.38 -10.52
C ILE B 276 -16.57 -23.24 -9.19
N ALA B 277 -16.36 -24.19 -8.27
CA ALA B 277 -16.98 -24.06 -6.95
C ALA B 277 -16.43 -22.85 -6.22
N SER B 278 -15.14 -22.56 -6.39
CA SER B 278 -14.56 -21.39 -5.77
C SER B 278 -15.07 -20.10 -6.40
N ALA B 279 -15.35 -20.09 -7.71
CA ALA B 279 -16.01 -18.94 -8.31
C ALA B 279 -17.30 -18.62 -7.57
N ARG B 280 -18.04 -19.65 -7.19
CA ARG B 280 -19.23 -19.45 -6.40
C ARG B 280 -18.90 -18.89 -5.02
N ALA B 281 -17.81 -19.37 -4.39
CA ALA B 281 -17.50 -18.89 -3.06
C ALA B 281 -16.96 -17.47 -3.06
N ALA B 282 -16.27 -17.09 -4.14
CA ALA B 282 -15.69 -15.75 -4.26
C ALA B 282 -16.75 -14.67 -4.17
N MET B 283 -17.93 -14.93 -4.74
CA MET B 283 -19.05 -13.98 -4.68
C MET B 283 -19.63 -13.79 -3.28
N ARG B 284 -19.19 -14.57 -2.29
CA ARG B 284 -19.66 -14.41 -0.92
C ARG B 284 -18.59 -13.95 0.05
N GLN B 285 -17.45 -13.49 -0.44
CA GLN B 285 -16.40 -13.04 0.47
C GLN B 285 -16.31 -11.52 0.47
N LYS B 286 -15.62 -11.02 1.46
CA LYS B 286 -15.17 -9.64 1.44
C LYS B 286 -13.86 -9.56 0.65
N PRO B 287 -13.54 -8.38 0.09
CA PRO B 287 -12.31 -8.26 -0.71
C PRO B 287 -11.08 -8.79 0.00
N GLY B 288 -10.12 -9.30 -0.79
CA GLY B 288 -8.96 -9.99 -0.28
C GLY B 288 -8.60 -11.26 -1.06
N ALA B 289 -7.45 -11.83 -0.73
CA ALA B 289 -7.01 -13.09 -1.30
C ALA B 289 -7.18 -14.20 -0.27
N TYR B 290 -7.70 -15.34 -0.71
CA TYR B 290 -7.95 -16.45 0.18
C TYR B 290 -7.41 -17.74 -0.41
N THR B 291 -6.83 -18.57 0.44
CA THR B 291 -6.68 -19.97 0.11
C THR B 291 -7.97 -20.69 0.50
N MET B 292 -7.99 -22.00 0.37
CA MET B 292 -9.20 -22.77 0.56
C MET B 292 -9.46 -23.10 2.02
N ILE B 293 -8.44 -23.09 2.87
CA ILE B 293 -8.68 -23.35 4.29
C ILE B 293 -9.11 -22.05 4.97
N GLU B 294 -9.37 -21.01 4.18
CA GLU B 294 -9.79 -19.73 4.72
C GLU B 294 -11.23 -19.38 4.37
N ILE B 295 -12.03 -20.34 3.91
CA ILE B 295 -13.37 -20.02 3.45
C ILE B 295 -14.34 -21.04 4.03
N PRO B 296 -15.46 -20.60 4.61
CA PRO B 296 -16.47 -21.54 5.10
C PRO B 296 -16.82 -22.54 3.99
N ILE B 297 -16.74 -23.84 4.34
CA ILE B 297 -17.04 -24.86 3.33
C ILE B 297 -18.37 -24.57 2.66
N ILE B 298 -19.35 -24.06 3.42
CA ILE B 298 -20.70 -23.88 2.86
C ILE B 298 -20.67 -22.89 1.70
N ASP B 299 -19.73 -21.95 1.70
CA ASP B 299 -19.69 -20.95 0.63
C ASP B 299 -19.39 -21.54 -0.75
N PHE B 300 -18.85 -22.76 -0.82
CA PHE B 300 -18.58 -23.37 -2.12
C PHE B 300 -19.79 -24.08 -2.70
N LEU B 301 -20.92 -24.12 -2.00
CA LEU B 301 -22.02 -24.99 -2.37
C LEU B 301 -23.16 -24.20 -2.97
N TYR B 302 -23.78 -24.78 -4.00
CA TYR B 302 -24.96 -24.17 -4.57
C TYR B 302 -26.15 -24.37 -3.64
N GLY B 303 -26.86 -23.29 -3.33
CA GLY B 303 -28.15 -23.42 -2.69
C GLY B 303 -28.35 -22.45 -1.53
N ASP B 304 -29.59 -22.43 -1.06
CA ASP B 304 -29.97 -21.74 0.16
C ASP B 304 -29.18 -22.27 1.35
N ARG B 305 -28.70 -21.36 2.22
CA ARG B 305 -27.94 -21.77 3.40
C ARG B 305 -28.68 -22.83 4.22
N ASP B 306 -29.83 -22.46 4.79
CA ASP B 306 -30.55 -23.33 5.72
C ASP B 306 -30.81 -24.72 5.12
N GLU B 307 -31.10 -24.78 3.82
CA GLU B 307 -31.40 -26.07 3.21
C GLU B 307 -30.15 -26.93 3.11
N LEU B 308 -29.01 -26.33 2.77
CA LEU B 308 -27.76 -27.07 2.75
C LEU B 308 -27.43 -27.64 4.13
N ILE B 309 -27.68 -26.86 5.18
CA ILE B 309 -27.37 -27.32 6.53
C ILE B 309 -28.19 -28.56 6.88
N ARG B 310 -29.52 -28.47 6.73
CA ARG B 310 -30.35 -29.59 7.17
C ARG B 310 -30.11 -30.83 6.33
N ARG B 311 -29.75 -30.66 5.07
CA ARG B 311 -29.46 -31.82 4.23
C ARG B 311 -28.06 -32.39 4.48
N LEU B 312 -27.12 -31.61 5.02
CA LEU B 312 -25.74 -32.08 5.05
C LEU B 312 -25.12 -32.15 6.45
N VAL B 313 -25.56 -31.32 7.39
CA VAL B 313 -24.84 -31.24 8.66
C VAL B 313 -25.31 -32.33 9.59
N ARG C 11 6.16 -13.76 -15.09
CA ARG C 11 6.08 -13.54 -13.65
C ARG C 11 5.74 -12.07 -13.34
N THR C 12 6.71 -11.17 -13.48
CA THR C 12 6.52 -9.77 -13.11
C THR C 12 5.41 -9.11 -13.94
N GLU C 13 5.11 -7.86 -13.58
CA GLU C 13 3.95 -7.16 -14.12
C GLU C 13 4.32 -6.42 -15.42
N ARG C 14 3.29 -6.18 -16.25
CA ARG C 14 3.51 -5.46 -17.50
C ARG C 14 3.75 -3.97 -17.21
N PRO C 15 4.60 -3.31 -17.97
CA PRO C 15 4.80 -1.86 -17.78
C PRO C 15 3.49 -1.10 -17.84
N ILE C 16 3.41 0.00 -17.08
CA ILE C 16 2.35 0.98 -17.27
C ILE C 16 2.66 1.81 -18.51
N ARG C 17 1.68 1.94 -19.38
CA ARG C 17 1.87 2.63 -20.65
C ARG C 17 1.36 4.06 -20.50
N VAL C 18 2.28 5.01 -20.63
CA VAL C 18 2.00 6.42 -20.38
C VAL C 18 2.12 7.18 -21.70
N ALA C 19 1.17 8.09 -21.92
CA ALA C 19 1.26 9.07 -22.99
C ALA C 19 1.35 10.45 -22.36
N ILE C 20 2.23 11.29 -22.87
CA ILE C 20 2.36 12.65 -22.39
C ILE C 20 1.61 13.56 -23.36
N ILE C 21 0.80 14.47 -22.82
CA ILE C 21 -0.09 15.31 -23.62
C ILE C 21 0.40 16.75 -23.50
N GLY C 22 1.00 17.27 -24.56
CA GLY C 22 1.56 18.61 -24.54
C GLY C 22 3.04 18.65 -24.21
N TYR C 23 3.89 18.63 -25.25
CA TYR C 23 5.34 18.66 -25.06
C TYR C 23 5.80 20.09 -24.88
N GLY C 24 5.68 20.57 -23.64
CA GLY C 24 6.16 21.90 -23.31
C GLY C 24 7.26 21.85 -22.26
N ASN C 25 7.31 22.86 -21.38
CA ASN C 25 8.34 22.87 -20.35
C ASN C 25 8.17 21.68 -19.39
N ILE C 26 6.94 21.45 -18.91
CA ILE C 26 6.67 20.31 -18.03
C ILE C 26 6.77 18.99 -18.82
N GLY C 27 6.37 19.00 -20.09
CA GLY C 27 6.31 17.76 -20.85
C GLY C 27 7.68 17.18 -21.14
N GLN C 28 8.69 18.03 -21.32
CA GLN C 28 10.03 17.49 -21.51
C GLN C 28 10.53 16.81 -20.25
N TYR C 29 10.30 17.44 -19.10
CA TYR C 29 10.73 16.82 -17.84
C TYR C 29 9.95 15.55 -17.57
N ALA C 30 8.65 15.56 -17.84
CA ALA C 30 7.82 14.36 -17.67
C ALA C 30 8.39 13.18 -18.44
N LEU C 31 8.94 13.45 -19.63
CA LEU C 31 9.53 12.41 -20.44
C LEU C 31 10.69 11.74 -19.71
N GLN C 32 11.57 12.54 -19.12
CA GLN C 32 12.67 11.98 -18.35
C GLN C 32 12.15 11.10 -17.23
N ALA C 33 11.13 11.58 -16.49
CA ALA C 33 10.61 10.85 -15.35
C ALA C 33 9.92 9.57 -15.77
N VAL C 34 9.25 9.56 -16.93
CA VAL C 34 8.61 8.34 -17.41
C VAL C 34 9.67 7.29 -17.71
N GLU C 35 10.67 7.66 -18.51
CA GLU C 35 11.71 6.73 -18.86
C GLU C 35 12.35 6.14 -17.61
N GLU C 36 12.62 6.98 -16.62
CA GLU C 36 13.29 6.52 -15.42
C GLU C 36 12.38 5.68 -14.51
N ALA C 37 11.07 5.86 -14.58
CA ALA C 37 10.19 5.00 -13.78
C ALA C 37 10.33 3.55 -14.23
N PRO C 38 10.82 2.65 -13.36
CA PRO C 38 11.06 1.27 -13.79
C PRO C 38 9.79 0.45 -14.03
N ASP C 39 8.63 0.96 -13.64
CA ASP C 39 7.35 0.31 -13.86
C ASP C 39 6.54 1.01 -14.95
N MET C 40 7.20 1.88 -15.73
CA MET C 40 6.54 2.70 -16.74
C MET C 40 7.31 2.71 -18.04
N GLU C 41 6.57 2.66 -19.15
CA GLU C 41 7.16 2.84 -20.47
C GLU C 41 6.41 3.93 -21.23
N LEU C 42 7.14 4.69 -22.03
CA LEU C 42 6.51 5.76 -22.79
C LEU C 42 5.71 5.17 -23.94
N ALA C 43 4.46 5.56 -24.05
CA ALA C 43 3.70 5.16 -25.23
C ALA C 43 3.88 6.12 -26.40
N GLY C 44 4.07 7.39 -26.10
CA GLY C 44 4.20 8.39 -27.13
C GLY C 44 3.75 9.74 -26.64
N VAL C 45 4.04 10.75 -27.43
CA VAL C 45 3.76 12.14 -27.11
C VAL C 45 2.69 12.66 -28.05
N VAL C 46 1.71 13.37 -27.50
CA VAL C 46 0.58 13.91 -28.25
C VAL C 46 0.73 15.43 -28.26
N ARG C 47 0.82 16.01 -29.45
CA ARG C 47 0.97 17.44 -29.64
C ARG C 47 -0.16 17.96 -30.51
N ARG C 48 -0.41 19.27 -30.44
CA ARG C 48 -1.30 19.88 -31.41
C ARG C 48 -0.79 19.62 -32.82
N GLN C 49 -1.69 19.72 -33.81
CA GLN C 49 -1.28 19.47 -35.19
C GLN C 49 -0.24 20.49 -35.66
N SER C 50 -0.33 21.73 -35.17
CA SER C 50 0.61 22.76 -35.57
C SER C 50 2.03 22.41 -35.17
N SER C 51 2.20 21.70 -34.07
CA SER C 51 3.54 21.35 -33.62
C SER C 51 4.07 20.10 -34.33
N LEU C 52 3.19 19.24 -34.81
CA LEU C 52 3.66 18.11 -35.60
C LEU C 52 4.36 18.57 -36.87
N GLU C 53 3.99 19.75 -37.39
CA GLU C 53 4.65 20.30 -38.57
C GLU C 53 6.05 20.80 -38.25
N LYS C 54 6.27 21.23 -37.01
CA LYS C 54 7.55 21.79 -36.62
C LYS C 54 8.65 20.75 -36.73
N PRO C 55 9.91 21.17 -36.70
CA PRO C 55 11.00 20.19 -36.72
C PRO C 55 11.00 19.38 -35.44
N LEU C 56 11.27 18.07 -35.59
CA LEU C 56 11.22 17.15 -34.43
C LEU C 56 12.48 17.32 -33.56
N PRO C 57 12.37 17.44 -32.21
CA PRO C 57 13.55 17.52 -31.37
C PRO C 57 14.32 16.23 -31.34
N GLY C 62 12.73 8.44 -32.46
CA GLY C 62 12.24 7.13 -32.10
C GLY C 62 11.03 7.14 -31.17
N VAL C 63 10.49 8.30 -30.87
CA VAL C 63 9.33 8.42 -29.99
C VAL C 63 8.13 8.75 -30.86
N SER C 64 7.10 7.90 -30.80
CA SER C 64 5.88 8.15 -31.56
C SER C 64 5.23 9.46 -31.16
N VAL C 65 5.36 10.48 -31.99
CA VAL C 65 4.80 11.80 -31.73
C VAL C 65 3.59 11.96 -32.64
N VAL C 66 2.39 11.99 -32.06
CA VAL C 66 1.15 11.87 -32.81
C VAL C 66 0.20 12.99 -32.38
N SER C 67 -1.00 12.99 -32.97
CA SER C 67 -1.99 14.04 -32.72
C SER C 67 -3.17 13.58 -31.88
N ASP C 68 -3.25 12.28 -31.59
CA ASP C 68 -4.35 11.73 -30.75
C ASP C 68 -3.90 10.43 -30.07
N VAL C 69 -4.40 10.19 -28.86
CA VAL C 69 -3.94 9.02 -28.12
C VAL C 69 -4.20 7.73 -28.89
N SER C 70 -5.25 7.71 -29.70
CA SER C 70 -5.58 6.51 -30.48
C SER C 70 -4.40 6.01 -31.28
N ALA C 71 -3.53 6.91 -31.76
CA ALA C 71 -2.39 6.48 -32.55
C ALA C 71 -1.33 5.76 -31.72
N LEU C 72 -1.38 5.83 -30.40
CA LEU C 72 -0.30 5.33 -29.58
C LEU C 72 -0.53 3.92 -29.06
N GLY C 73 -1.61 3.26 -29.48
CA GLY C 73 -1.85 1.91 -29.01
C GLY C 73 -2.41 1.93 -27.61
N GLN C 74 -2.04 0.92 -26.81
CA GLN C 74 -2.51 0.82 -25.43
C GLN C 74 -1.94 1.96 -24.58
N VAL C 75 -2.83 2.68 -23.92
CA VAL C 75 -2.44 3.80 -23.07
C VAL C 75 -3.27 3.79 -21.80
N ASP C 76 -2.67 3.32 -20.69
CA ASP C 76 -3.38 3.31 -19.40
C ASP C 76 -3.53 4.72 -18.82
N VAL C 77 -2.47 5.52 -18.83
CA VAL C 77 -2.47 6.81 -18.16
C VAL C 77 -1.91 7.86 -19.12
N ALA C 78 -2.64 8.97 -19.25
CA ALA C 78 -2.16 10.15 -19.95
C ALA C 78 -1.78 11.24 -18.94
N VAL C 79 -0.53 11.67 -18.99
CA VAL C 79 0.00 12.69 -18.09
C VAL C 79 -0.16 14.05 -18.77
N LEU C 80 -1.06 14.88 -18.27
CA LEU C 80 -1.43 16.09 -18.97
C LEU C 80 -0.46 17.22 -18.62
N CYS C 81 0.29 17.68 -19.60
CA CYS C 81 1.22 18.80 -19.39
C CYS C 81 0.82 20.00 -20.22
N THR C 82 -0.48 20.22 -20.33
CA THR C 82 -1.04 21.31 -21.13
C THR C 82 -1.25 22.53 -20.24
N PRO C 83 -1.65 23.67 -20.82
CA PRO C 83 -1.90 24.86 -20.00
C PRO C 83 -3.16 24.71 -19.16
N THR C 84 -3.17 25.44 -18.04
CA THR C 84 -4.20 25.28 -17.02
C THR C 84 -5.59 25.34 -17.62
N ARG C 85 -5.93 26.45 -18.30
CA ARG C 85 -7.28 26.65 -18.81
C ARG C 85 -7.79 25.48 -19.63
N GLU C 86 -6.96 24.95 -20.53
CA GLU C 86 -7.38 23.90 -21.44
C GLU C 86 -7.41 22.52 -20.79
N THR C 87 -6.78 22.35 -19.63
CA THR C 87 -6.55 21.02 -19.07
C THR C 87 -7.84 20.32 -18.63
N PRO C 88 -8.76 21.00 -17.94
CA PRO C 88 -10.02 20.30 -17.58
C PRO C 88 -10.74 19.72 -18.78
N ALA C 89 -10.96 20.52 -19.82
CA ALA C 89 -11.64 20.03 -21.01
C ALA C 89 -10.90 18.85 -21.64
N ILE C 90 -9.57 18.96 -21.79
CA ILE C 90 -8.78 17.85 -22.33
C ILE C 90 -8.99 16.60 -21.49
N ALA C 91 -8.90 16.74 -20.17
CA ALA C 91 -8.94 15.58 -19.30
C ALA C 91 -10.28 14.86 -19.41
N LYS C 92 -11.38 15.63 -19.37
CA LYS C 92 -12.70 15.03 -19.47
C LYS C 92 -12.84 14.18 -20.74
N GLU C 93 -12.18 14.59 -21.83
CA GLU C 93 -12.25 13.82 -23.07
C GLU C 93 -11.49 12.51 -22.94
N LEU C 94 -10.27 12.56 -22.42
CA LEU C 94 -9.46 11.35 -22.29
C LEU C 94 -10.06 10.39 -21.26
N LEU C 95 -10.67 10.91 -20.19
CA LEU C 95 -11.33 10.04 -19.23
C LEU C 95 -12.48 9.29 -19.88
N ALA C 96 -13.29 9.98 -20.69
CA ALA C 96 -14.43 9.37 -21.34
C ALA C 96 -14.04 8.21 -22.25
N ARG C 97 -12.75 8.04 -22.53
CA ARG C 97 -12.24 6.97 -23.36
C ARG C 97 -11.64 5.84 -22.53
N GLY C 98 -11.78 5.90 -21.19
CA GLY C 98 -11.26 4.86 -20.33
C GLY C 98 -9.85 5.09 -19.82
N ILE C 99 -9.13 6.09 -20.36
CA ILE C 99 -7.76 6.35 -19.95
C ILE C 99 -7.76 7.17 -18.66
N HIS C 100 -6.85 6.81 -17.76
CA HIS C 100 -6.65 7.62 -16.58
C HIS C 100 -5.92 8.91 -16.95
N THR C 101 -6.10 9.93 -16.12
CA THR C 101 -5.50 11.23 -16.39
C THR C 101 -4.80 11.77 -15.15
N ILE C 102 -3.65 12.41 -15.36
CA ILE C 102 -2.93 13.14 -14.33
C ILE C 102 -2.74 14.58 -14.80
N ASP C 103 -2.86 15.51 -13.88
CA ASP C 103 -2.60 16.90 -14.20
C ASP C 103 -2.13 17.58 -12.94
N SER C 104 -1.55 18.77 -13.11
CA SER C 104 -1.04 19.58 -12.02
C SER C 104 -1.71 20.95 -12.02
N PHE C 105 -2.97 21.00 -12.45
CA PHE C 105 -3.85 22.16 -12.38
C PHE C 105 -3.53 23.07 -11.19
N ASP C 106 -3.21 24.35 -11.43
CA ASP C 106 -2.58 25.15 -10.39
C ASP C 106 -3.39 26.38 -9.94
N ILE C 107 -4.68 26.43 -10.25
CA ILE C 107 -5.58 27.47 -9.75
C ILE C 107 -6.27 26.92 -8.50
N HIS C 108 -5.84 27.38 -7.33
CA HIS C 108 -6.32 26.81 -6.07
C HIS C 108 -7.85 26.86 -5.95
N GLN C 109 -8.46 28.00 -6.27
CA GLN C 109 -9.90 28.16 -5.99
C GLN C 109 -10.79 27.35 -6.92
N GLU C 110 -10.29 26.87 -8.04
CA GLU C 110 -11.18 26.12 -8.91
C GLU C 110 -11.03 24.62 -8.74
N ILE C 111 -10.15 24.20 -7.83
CA ILE C 111 -9.84 22.78 -7.69
C ILE C 111 -11.07 22.01 -7.22
N VAL C 112 -11.79 22.53 -6.20
CA VAL C 112 -12.98 21.84 -5.68
C VAL C 112 -13.99 21.61 -6.80
N GLN C 113 -14.19 22.62 -7.66
CA GLN C 113 -15.16 22.46 -8.73
C GLN C 113 -14.67 21.49 -9.79
N VAL C 114 -13.37 21.53 -10.09
CA VAL C 114 -12.86 20.70 -11.15
C VAL C 114 -12.81 19.24 -10.72
N ARG C 115 -12.49 18.99 -9.45
CA ARG C 115 -12.57 17.65 -8.91
C ARG C 115 -13.96 17.05 -9.16
N HIS C 116 -15.02 17.80 -8.80
CA HIS C 116 -16.37 17.32 -9.02
C HIS C 116 -16.64 17.10 -10.50
N GLU C 117 -16.23 18.05 -11.34
CA GLU C 117 -16.45 17.92 -12.78
C GLU C 117 -15.70 16.73 -13.35
N LEU C 118 -14.46 16.54 -12.96
CA LEU C 118 -13.72 15.36 -13.38
C LEU C 118 -14.28 14.09 -12.76
N ASP C 119 -14.76 14.15 -11.51
CA ASP C 119 -15.29 12.96 -10.84
C ASP C 119 -16.40 12.33 -11.66
N GLU C 120 -17.33 13.14 -12.18
CA GLU C 120 -18.52 12.64 -12.87
C GLU C 120 -18.13 11.82 -14.10
N VAL C 121 -17.22 12.33 -14.91
CA VAL C 121 -16.83 11.61 -16.10
C VAL C 121 -16.11 10.33 -15.73
N ALA C 122 -15.19 10.42 -14.78
CA ALA C 122 -14.34 9.24 -14.48
C ALA C 122 -15.15 8.06 -13.94
N ARG C 123 -16.08 8.31 -13.02
CA ARG C 123 -16.81 7.18 -12.38
C ARG C 123 -17.64 6.42 -13.43
N ALA C 124 -18.00 7.10 -14.51
CA ALA C 124 -18.83 6.46 -15.55
C ALA C 124 -17.96 5.57 -16.43
N HIS C 125 -16.74 5.99 -16.71
CA HIS C 125 -15.90 5.22 -17.66
C HIS C 125 -14.80 4.46 -16.92
N GLN C 126 -15.07 4.06 -15.69
CA GLN C 126 -14.09 3.27 -14.95
C GLN C 126 -12.69 3.86 -15.07
N ALA C 127 -12.58 5.19 -14.98
CA ALA C 127 -11.31 5.88 -15.11
C ALA C 127 -10.97 6.64 -13.84
N VAL C 128 -9.67 6.77 -13.57
CA VAL C 128 -9.14 7.50 -12.42
C VAL C 128 -8.55 8.80 -12.90
N ALA C 129 -8.87 9.90 -12.23
CA ALA C 129 -8.23 11.17 -12.53
C ALA C 129 -7.64 11.72 -11.24
N ILE C 130 -6.34 12.01 -11.26
CA ILE C 130 -5.68 12.70 -10.15
C ILE C 130 -5.34 14.10 -10.64
N LEU C 131 -5.84 15.11 -9.95
CA LEU C 131 -5.67 16.48 -10.38
C LEU C 131 -4.87 17.28 -9.36
N ALA C 132 -4.25 18.35 -9.84
CA ALA C 132 -3.47 19.27 -9.02
C ALA C 132 -2.35 18.54 -8.32
N ALA C 133 -1.70 17.63 -9.05
CA ALA C 133 -0.65 16.78 -8.50
C ALA C 133 0.70 17.32 -8.98
N GLY C 134 1.12 18.42 -8.38
CA GLY C 134 2.34 19.10 -8.79
C GLY C 134 3.14 19.47 -7.57
N THR C 135 3.71 20.67 -7.56
CA THR C 135 4.49 21.11 -6.40
C THR C 135 3.62 21.82 -5.36
N ASP C 136 3.08 23.01 -5.67
CA ASP C 136 2.33 23.50 -4.50
C ASP C 136 0.87 23.11 -4.58
N PRO C 137 0.19 23.24 -5.68
CA PRO C 137 -0.97 22.37 -5.86
C PRO C 137 -0.30 21.01 -6.00
N GLY C 138 -0.26 20.22 -4.94
CA GLY C 138 0.44 18.94 -4.98
C GLY C 138 1.07 18.49 -3.67
N THR C 139 2.39 18.25 -3.67
CA THR C 139 3.02 17.70 -2.47
C THR C 139 3.10 18.76 -1.37
N CYS C 140 3.15 20.04 -1.72
CA CYS C 140 3.05 21.04 -0.68
C CYS C 140 1.71 20.94 0.02
N SER C 141 0.65 20.61 -0.73
CA SER C 141 -0.65 20.41 -0.09
C SER C 141 -0.60 19.27 0.91
N MET C 142 0.15 18.21 0.57
CA MET C 142 0.22 17.06 1.47
C MET C 142 0.96 17.42 2.75
N ILE C 143 2.10 18.13 2.65
CA ILE C 143 2.79 18.56 3.87
C ILE C 143 1.89 19.51 4.69
N ARG C 144 1.25 20.48 4.02
CA ARG C 144 0.33 21.36 4.74
C ARG C 144 -0.70 20.55 5.52
N SER C 145 -1.38 19.64 4.82
CA SER C 145 -2.44 18.88 5.46
C SER C 145 -1.93 18.10 6.66
N ILE C 146 -0.69 17.62 6.61
CA ILE C 146 -0.18 16.83 7.73
C ILE C 146 0.17 17.74 8.91
N LEU C 147 0.82 18.88 8.64
CA LEU C 147 0.98 19.90 9.67
C LEU C 147 -0.36 20.23 10.31
N GLU C 148 -1.43 20.30 9.50
CA GLU C 148 -2.72 20.72 10.04
C GLU C 148 -3.19 19.81 11.16
N PHE C 149 -3.13 18.49 10.95
CA PHE C 149 -3.65 17.60 11.99
C PHE C 149 -2.65 17.36 13.11
N MET C 150 -1.35 17.62 12.92
CA MET C 150 -0.45 17.53 14.07
C MET C 150 -0.59 18.73 15.02
N ALA C 151 -1.06 19.87 14.52
CA ALA C 151 -1.18 21.07 15.36
C ALA C 151 -2.38 21.87 14.88
N PRO C 152 -3.59 21.50 15.34
CA PRO C 152 -4.82 22.02 14.71
C PRO C 152 -5.06 23.49 14.97
N TYR C 153 -4.50 24.06 16.02
CA TYR C 153 -4.61 25.49 16.24
C TYR C 153 -3.30 26.13 15.82
N GLY C 154 -3.40 27.23 15.10
CA GLY C 154 -2.23 27.95 14.69
C GLY C 154 -2.40 28.42 13.28
N ILE C 155 -1.26 28.76 12.67
CA ILE C 155 -1.23 29.35 11.34
C ILE C 155 -0.09 28.73 10.56
N THR C 156 -0.37 28.43 9.30
CA THR C 156 0.65 27.97 8.39
C THR C 156 0.97 29.08 7.40
N TYR C 157 2.27 29.28 7.15
CA TYR C 157 2.71 30.17 6.10
C TYR C 157 3.48 29.39 5.06
N THR C 158 3.10 29.57 3.80
CA THR C 158 3.81 28.98 2.67
C THR C 158 4.50 30.13 1.95
N ASN C 159 5.83 30.18 2.07
CA ASN C 159 6.65 31.28 1.55
C ASN C 159 7.43 30.75 0.36
N VAL C 160 7.05 31.18 -0.85
CA VAL C 160 7.74 30.70 -2.05
C VAL C 160 8.99 31.54 -2.23
N GLY C 161 10.15 30.95 -1.86
CA GLY C 161 11.46 31.56 -1.98
C GLY C 161 11.73 32.06 -3.37
N PRO C 162 12.73 32.94 -3.53
CA PRO C 162 12.89 33.65 -4.80
C PRO C 162 12.94 32.68 -5.98
N GLY C 163 12.13 32.98 -6.97
CA GLY C 163 11.88 32.05 -8.02
C GLY C 163 10.76 32.61 -8.86
N MET C 164 10.75 32.21 -10.12
CA MET C 164 9.87 32.80 -11.12
C MET C 164 8.41 32.63 -10.73
N SER C 165 7.57 33.43 -11.37
CA SER C 165 6.12 33.24 -11.35
C SER C 165 5.70 33.28 -12.81
N MET C 166 5.51 32.09 -13.41
CA MET C 166 5.19 31.98 -14.83
C MET C 166 4.04 32.90 -15.21
N GLY C 167 2.92 32.80 -14.48
CA GLY C 167 1.79 33.66 -14.79
C GLY C 167 2.13 35.14 -14.69
N HIS C 168 2.93 35.51 -13.69
CA HIS C 168 3.18 36.92 -13.43
C HIS C 168 3.99 37.56 -14.57
N SER C 169 5.05 36.88 -15.01
CA SER C 169 5.81 37.38 -16.15
C SER C 169 4.99 37.34 -17.43
N VAL C 170 4.25 36.24 -17.64
CA VAL C 170 3.31 36.14 -18.76
C VAL C 170 2.29 37.27 -18.69
N ALA C 171 1.88 37.65 -17.48
CA ALA C 171 1.06 38.85 -17.32
C ALA C 171 1.76 40.07 -17.90
N VAL C 172 2.96 40.39 -17.39
CA VAL C 172 3.66 41.60 -17.82
C VAL C 172 4.05 41.53 -19.29
N LYS C 173 4.19 40.32 -19.84
CA LYS C 173 4.45 40.17 -21.26
C LYS C 173 3.33 40.74 -22.14
N ALA C 174 2.19 41.10 -21.55
CA ALA C 174 1.03 41.57 -22.30
C ALA C 174 0.75 43.05 -22.09
N ILE C 175 1.79 43.87 -21.92
CA ILE C 175 1.66 45.32 -21.80
C ILE C 175 2.62 45.95 -22.79
N GLU C 176 2.27 47.14 -23.28
CA GLU C 176 3.02 47.81 -24.33
C GLU C 176 4.31 48.41 -23.78
N GLY C 177 5.44 48.00 -24.36
CA GLY C 177 6.73 48.52 -23.95
C GLY C 177 7.87 47.75 -24.59
N VAL C 178 9.09 48.08 -24.15
CA VAL C 178 10.31 47.38 -24.56
C VAL C 178 10.09 45.89 -24.45
N LYS C 179 10.33 45.17 -25.55
CA LYS C 179 9.98 43.75 -25.66
C LYS C 179 10.50 42.96 -24.47
N ASP C 180 9.81 41.86 -24.18
CA ASP C 180 10.22 40.86 -23.19
C ASP C 180 10.36 41.39 -21.76
N ALA C 181 9.98 40.55 -20.80
CA ALA C 181 10.00 40.93 -19.40
C ALA C 181 10.03 39.68 -18.55
N LEU C 182 10.69 39.78 -17.40
CA LEU C 182 10.67 38.72 -16.39
C LEU C 182 10.12 39.30 -15.10
N ALA C 183 9.05 38.70 -14.59
CA ALA C 183 8.45 39.09 -13.33
C ALA C 183 8.63 37.96 -12.33
N LEU C 184 9.00 38.32 -11.10
CA LEU C 184 9.27 37.38 -10.03
C LEU C 184 8.42 37.71 -8.81
N THR C 185 7.91 36.66 -8.16
CA THR C 185 7.45 36.81 -6.79
C THR C 185 8.60 36.48 -5.86
N ILE C 186 8.86 37.37 -4.91
CA ILE C 186 9.92 37.21 -3.92
C ILE C 186 9.25 37.12 -2.56
N PRO C 187 9.58 36.14 -1.74
CA PRO C 187 8.89 36.01 -0.44
C PRO C 187 9.38 37.07 0.51
N ILE C 188 8.45 37.75 1.17
CA ILE C 188 8.80 38.71 2.21
C ILE C 188 8.33 38.26 3.57
N GLY C 189 7.95 36.99 3.71
CA GLY C 189 7.59 36.43 5.00
C GLY C 189 6.09 36.37 5.21
N THR C 190 5.69 35.53 6.17
CA THR C 190 4.30 35.37 6.61
C THR C 190 3.32 35.36 5.43
N GLY C 191 3.65 34.54 4.44
CA GLY C 191 2.84 34.34 3.26
C GLY C 191 2.77 35.51 2.31
N LEU C 192 3.39 36.64 2.63
CA LEU C 192 3.32 37.80 1.76
C LEU C 192 4.53 37.82 0.83
N HIS C 193 4.37 38.44 -0.33
CA HIS C 193 5.41 38.45 -1.35
C HIS C 193 5.57 39.85 -1.92
N ARG C 194 6.77 40.16 -2.41
CA ARG C 194 6.99 41.34 -3.22
C ARG C 194 7.25 40.92 -4.66
N ARG C 195 6.84 41.77 -5.60
CA ARG C 195 7.01 41.46 -7.02
C ARG C 195 8.11 42.33 -7.60
N MET C 196 9.03 41.71 -8.34
CA MET C 196 10.11 42.41 -9.01
C MET C 196 10.02 42.06 -10.49
N VAL C 197 9.92 43.08 -11.33
CA VAL C 197 9.79 42.87 -12.77
C VAL C 197 11.02 43.44 -13.46
N TYR C 198 11.51 42.68 -14.44
CA TYR C 198 12.67 43.09 -15.22
C TYR C 198 12.21 43.31 -16.66
N VAL C 199 12.68 44.41 -17.27
CA VAL C 199 12.34 44.79 -18.64
C VAL C 199 13.56 45.19 -19.46
N PHE C 220 -2.24 43.28 -9.29
CA PHE C 220 -0.93 43.66 -9.81
C PHE C 220 -0.46 44.99 -9.21
N VAL C 221 -1.16 45.45 -8.17
CA VAL C 221 -0.92 46.79 -7.62
C VAL C 221 -1.16 46.81 -6.12
N HIS C 222 -1.64 45.68 -5.58
CA HIS C 222 -1.94 45.56 -4.16
C HIS C 222 -0.77 45.03 -3.34
N ASP C 223 0.37 44.79 -3.96
CA ASP C 223 1.60 44.43 -3.27
C ASP C 223 2.75 45.22 -3.87
N GLU C 224 3.80 45.39 -3.07
CA GLU C 224 4.91 46.26 -3.46
C GLU C 224 5.65 45.71 -4.67
N THR C 225 5.81 46.55 -5.68
CA THR C 225 6.44 46.17 -6.92
C THR C 225 7.69 47.01 -7.14
N HIS C 226 8.72 46.38 -7.70
CA HIS C 226 9.93 47.07 -8.10
C HIS C 226 10.18 46.73 -9.57
N VAL C 227 10.65 47.72 -10.33
CA VAL C 227 10.87 47.57 -11.75
C VAL C 227 12.31 47.94 -12.08
N LEU C 228 12.95 47.13 -12.92
CA LEU C 228 14.28 47.39 -13.43
C LEU C 228 14.30 47.09 -14.92
N GLN C 229 15.01 47.92 -15.68
CA GLN C 229 15.24 47.64 -17.09
C GLN C 229 16.56 46.90 -17.22
N VAL C 230 16.58 45.91 -18.11
CA VAL C 230 17.75 45.08 -18.32
C VAL C 230 17.99 44.96 -19.82
N ASP C 231 19.22 44.58 -20.16
CA ASP C 231 19.57 44.30 -21.54
C ASP C 231 18.81 43.09 -22.06
N ASP C 232 19.09 41.92 -21.50
CA ASP C 232 18.53 40.64 -21.95
C ASP C 232 17.83 39.95 -20.78
N VAL C 233 16.51 40.05 -20.76
CA VAL C 233 15.68 39.35 -19.77
C VAL C 233 15.94 37.85 -19.81
N LYS C 234 16.22 37.28 -20.98
CA LYS C 234 16.49 35.84 -21.05
C LYS C 234 17.71 35.43 -20.23
N GLN C 235 18.65 36.36 -19.98
CA GLN C 235 19.85 36.05 -19.21
C GLN C 235 19.56 35.86 -17.72
N LEU C 236 18.40 36.29 -17.23
CA LEU C 236 18.07 36.21 -15.81
C LEU C 236 17.31 34.94 -15.44
N ILE C 237 16.95 34.09 -16.40
CA ILE C 237 15.95 33.05 -16.18
C ILE C 237 16.58 31.81 -15.56
N ASP C 238 15.95 31.29 -14.50
CA ASP C 238 16.36 30.03 -13.91
C ASP C 238 15.14 29.36 -13.30
N ARG C 239 14.96 28.08 -13.55
CA ARG C 239 13.73 27.40 -13.20
C ARG C 239 13.78 26.74 -11.83
N GLY C 240 14.83 26.99 -11.03
CA GLY C 240 14.80 26.54 -9.65
C GLY C 240 13.94 27.44 -8.79
N ILE C 241 13.48 26.90 -7.67
CA ILE C 241 12.66 27.68 -6.77
C ILE C 241 12.88 27.17 -5.35
N GLY C 242 12.68 28.07 -4.39
CA GLY C 242 12.72 27.72 -2.98
C GLY C 242 11.32 27.76 -2.40
N VAL C 243 11.05 26.88 -1.45
CA VAL C 243 9.78 26.86 -0.76
C VAL C 243 10.09 26.71 0.72
N ARG C 244 9.65 27.68 1.53
CA ARG C 244 9.73 27.57 2.99
C ARG C 244 8.31 27.60 3.55
N MET C 245 7.91 26.52 4.22
CA MET C 245 6.57 26.40 4.80
C MET C 245 6.71 26.22 6.30
N GLU C 246 5.96 27.01 7.08
CA GLU C 246 6.04 26.96 8.53
C GLU C 246 4.66 26.91 9.16
N ARG C 247 4.59 26.29 10.32
CA ARG C 247 3.42 26.30 11.16
C ARG C 247 3.91 26.34 12.60
N LYS C 248 3.32 27.23 13.38
CA LYS C 248 3.47 27.24 14.82
C LYS C 248 2.08 27.02 15.40
N GLY C 249 1.93 26.00 16.23
CA GLY C 249 0.59 25.60 16.59
C GLY C 249 0.59 24.79 17.87
N VAL C 250 -0.62 24.42 18.32
CA VAL C 250 -0.78 23.63 19.53
C VAL C 250 -1.16 22.21 19.15
N SER C 251 -0.50 21.25 19.78
CA SER C 251 -0.83 19.84 19.61
C SER C 251 -1.62 19.44 20.84
N GLY C 252 -2.86 19.00 20.64
CA GLY C 252 -3.73 18.68 21.76
C GLY C 252 -3.99 19.94 22.54
N GLN C 253 -3.30 20.14 23.65
CA GLN C 253 -3.41 21.41 24.35
C GLN C 253 -2.07 22.11 24.54
N THR C 254 -0.98 21.55 24.00
CA THR C 254 0.37 22.06 24.25
C THR C 254 0.75 23.08 23.19
N GLN C 255 0.98 24.33 23.62
CA GLN C 255 1.39 25.46 22.77
C GLN C 255 2.81 25.31 22.22
N ASN C 256 3.09 26.11 21.18
CA ASN C 256 4.45 26.36 20.69
C ASN C 256 5.07 25.11 20.03
N GLN C 257 4.28 24.40 19.24
CA GLN C 257 4.80 23.33 18.40
C GLN C 257 5.29 23.92 17.09
N LEU C 258 6.57 23.67 16.76
CA LEU C 258 7.23 24.32 15.63
C LEU C 258 7.54 23.33 14.51
N PHE C 259 7.02 23.59 13.31
CA PHE C 259 7.29 22.77 12.13
C PHE C 259 7.76 23.66 10.99
N THR C 260 8.84 23.24 10.31
CA THR C 260 9.36 23.95 9.15
C THR C 260 9.71 22.94 8.08
N TYR C 261 9.24 23.19 6.86
CA TYR C 261 9.52 22.35 5.70
C TYR C 261 10.11 23.21 4.58
N GLU C 262 11.27 22.82 4.08
CA GLU C 262 12.01 23.64 3.14
C GLU C 262 12.56 22.81 1.99
N MET C 263 12.45 23.35 0.78
CA MET C 263 13.06 22.67 -0.34
C MET C 263 13.54 23.68 -1.38
N ARG C 264 14.74 23.42 -1.91
CA ARG C 264 15.35 24.16 -3.02
C ARG C 264 15.45 23.18 -4.19
N ILE C 265 14.63 23.38 -5.23
CA ILE C 265 14.46 22.35 -6.25
C ILE C 265 14.31 22.98 -7.63
N ASN C 266 14.53 22.15 -8.64
CA ASN C 266 14.13 22.47 -10.01
C ASN C 266 12.62 22.21 -10.11
N ASN C 267 11.86 23.28 -10.27
CA ASN C 267 10.41 23.18 -10.14
C ASN C 267 9.80 22.25 -11.19
N PRO C 268 10.05 22.43 -12.49
CA PRO C 268 9.40 21.53 -13.46
C PRO C 268 9.88 20.10 -13.33
N ALA C 269 11.12 19.87 -12.92
CA ALA C 269 11.51 18.49 -12.72
C ALA C 269 10.74 17.87 -11.55
N LEU C 270 10.50 18.64 -10.49
CA LEU C 270 9.79 18.07 -9.35
C LEU C 270 8.32 17.86 -9.69
N THR C 271 7.71 18.83 -10.37
CA THR C 271 6.31 18.67 -10.76
C THR C 271 6.12 17.47 -11.69
N SER C 272 6.97 17.32 -12.70
CA SER C 272 6.82 16.18 -13.58
C SER C 272 7.05 14.89 -12.82
N GLN C 273 7.99 14.89 -11.87
CA GLN C 273 8.22 13.67 -11.11
C GLN C 273 7.00 13.34 -10.23
N VAL C 274 6.38 14.37 -9.62
CA VAL C 274 5.19 14.16 -8.81
C VAL C 274 4.02 13.65 -9.66
N MET C 275 3.88 14.16 -10.89
CA MET C 275 2.82 13.63 -11.75
C MET C 275 3.06 12.16 -12.12
N ILE C 276 4.32 11.77 -12.33
CA ILE C 276 4.62 10.40 -12.72
C ILE C 276 4.34 9.45 -11.56
N ALA C 277 4.65 9.85 -10.33
CA ALA C 277 4.29 9.06 -9.16
C ALA C 277 2.78 8.97 -9.03
N SER C 278 2.07 10.07 -9.33
CA SER C 278 0.61 10.01 -9.32
C SER C 278 0.08 9.05 -10.38
N ALA C 279 0.82 8.88 -11.48
CA ALA C 279 0.35 7.95 -12.51
C ALA C 279 0.34 6.53 -11.96
N ARG C 280 1.40 6.14 -11.26
CA ARG C 280 1.45 4.85 -10.58
C ARG C 280 0.29 4.72 -9.60
N ALA C 281 0.01 5.78 -8.83
CA ALA C 281 -1.05 5.73 -7.85
C ALA C 281 -2.42 5.64 -8.50
N ALA C 282 -2.61 6.30 -9.65
CA ALA C 282 -3.92 6.28 -10.29
C ALA C 282 -4.33 4.87 -10.69
N MET C 283 -3.36 4.00 -10.96
CA MET C 283 -3.71 2.62 -11.25
C MET C 283 -4.25 1.88 -10.04
N ARG C 284 -4.04 2.38 -8.83
CA ARG C 284 -4.40 1.65 -7.63
C ARG C 284 -5.67 2.19 -6.99
N GLN C 285 -6.48 2.92 -7.74
CA GLN C 285 -7.65 3.59 -7.19
C GLN C 285 -8.91 3.03 -7.85
N LYS C 286 -10.04 3.42 -7.29
CA LYS C 286 -11.34 3.16 -7.88
C LYS C 286 -11.70 4.30 -8.81
N PRO C 287 -12.59 4.08 -9.76
CA PRO C 287 -13.02 5.19 -10.62
C PRO C 287 -13.44 6.37 -9.76
N GLY C 288 -13.17 7.57 -10.28
CA GLY C 288 -13.35 8.81 -9.56
C GLY C 288 -12.14 9.71 -9.73
N ALA C 289 -12.24 10.89 -9.12
CA ALA C 289 -11.22 11.92 -9.24
C ALA C 289 -10.74 12.32 -7.84
N TYR C 290 -9.41 12.37 -7.67
CA TYR C 290 -8.79 12.59 -6.37
C TYR C 290 -7.76 13.69 -6.48
N THR C 291 -7.64 14.49 -5.42
CA THR C 291 -6.47 15.30 -5.11
C THR C 291 -5.48 14.47 -4.29
N MET C 292 -4.28 14.99 -4.10
CA MET C 292 -3.27 14.16 -3.48
C MET C 292 -3.44 13.96 -1.98
N ILE C 293 -4.35 14.68 -1.30
CA ILE C 293 -4.63 14.38 0.10
C ILE C 293 -5.71 13.32 0.25
N GLU C 294 -6.24 12.79 -0.86
CA GLU C 294 -7.25 11.74 -0.85
C GLU C 294 -6.68 10.38 -1.27
N ILE C 295 -5.37 10.23 -1.27
CA ILE C 295 -4.73 8.99 -1.70
C ILE C 295 -3.68 8.54 -0.69
N PRO C 296 -3.63 7.27 -0.32
CA PRO C 296 -2.56 6.81 0.58
C PRO C 296 -1.20 7.12 0.00
N ILE C 297 -0.32 7.69 0.83
CA ILE C 297 1.03 8.04 0.41
C ILE C 297 1.75 6.82 -0.18
N ILE C 298 1.50 5.62 0.35
CA ILE C 298 2.21 4.46 -0.17
C ILE C 298 1.81 4.18 -1.62
N ASP C 299 0.61 4.60 -2.03
CA ASP C 299 0.19 4.33 -3.42
C ASP C 299 1.06 5.05 -4.45
N PHE C 300 1.76 6.11 -4.07
CA PHE C 300 2.65 6.79 -5.02
C PHE C 300 4.00 6.11 -5.18
N LEU C 301 4.32 5.12 -4.38
CA LEU C 301 5.68 4.61 -4.35
C LEU C 301 5.78 3.34 -5.20
N TYR C 302 6.87 3.25 -5.95
CA TYR C 302 7.17 2.02 -6.64
C TYR C 302 7.76 1.04 -5.63
N GLY C 303 7.27 -0.19 -5.65
CA GLY C 303 7.90 -1.20 -4.83
C GLY C 303 6.94 -2.16 -4.16
N ASP C 304 7.52 -3.16 -3.51
CA ASP C 304 6.74 -4.10 -2.74
C ASP C 304 6.28 -3.43 -1.43
N ARG C 305 4.95 -3.42 -1.20
CA ARG C 305 4.35 -2.77 -0.04
C ARG C 305 5.11 -3.04 1.26
N ASP C 306 5.30 -4.33 1.60
CA ASP C 306 5.97 -4.66 2.85
C ASP C 306 7.40 -4.12 2.89
N GLU C 307 8.10 -4.14 1.77
CA GLU C 307 9.48 -3.68 1.88
C GLU C 307 9.55 -2.16 1.93
N LEU C 308 8.60 -1.47 1.28
CA LEU C 308 8.44 -0.03 1.47
C LEU C 308 8.20 0.29 2.93
N ILE C 309 7.33 -0.49 3.59
CA ILE C 309 7.05 -0.27 5.00
C ILE C 309 8.31 -0.47 5.83
N ARG C 310 8.89 -1.66 5.74
CA ARG C 310 10.17 -1.96 6.37
C ARG C 310 11.21 -0.85 6.16
N ARG C 311 11.20 -0.21 4.99
CA ARG C 311 12.22 0.79 4.68
C ARG C 311 11.88 2.17 5.22
N LEU C 312 10.61 2.56 5.17
CA LEU C 312 10.22 3.94 5.37
C LEU C 312 9.57 4.20 6.72
N VAL C 313 8.68 3.33 7.18
CA VAL C 313 7.85 3.65 8.33
C VAL C 313 8.68 3.71 9.61
#